data_2EOM
#
_entry.id   2EOM
#
loop_
_entity.id
_entity.type
_entity.pdbx_description
1 polymer 'Zinc finger protein 95 homolog'
2 non-polymer 'ZINC ION'
#
_entity_poly.entity_id   1
_entity_poly.type   'polypeptide(L)'
_entity_poly.pdbx_seq_one_letter_code
;GSSGSSGHGERGHRCSDCGKFFLQASNFIQHRRIHTGEKPSGPSSG
;
_entity_poly.pdbx_strand_id   A
#
loop_
_chem_comp.id
_chem_comp.type
_chem_comp.name
_chem_comp.formula
ZN non-polymer 'ZINC ION' 'Zn 2'
#
# COMPACT_ATOMS: atom_id res chain seq x y z
N GLY A 1 6.47 -22.41 -4.34
CA GLY A 1 6.56 -22.64 -5.77
C GLY A 1 6.81 -21.37 -6.55
N SER A 2 7.11 -21.51 -7.84
CA SER A 2 7.38 -20.37 -8.70
C SER A 2 6.24 -19.34 -8.61
N SER A 3 6.46 -18.29 -7.83
CA SER A 3 5.47 -17.25 -7.65
C SER A 3 6.05 -16.06 -6.89
N GLY A 4 5.43 -14.89 -7.07
CA GLY A 4 5.90 -13.70 -6.40
C GLY A 4 5.00 -12.51 -6.63
N SER A 5 5.55 -11.30 -6.52
CA SER A 5 4.79 -10.08 -6.71
C SER A 5 4.74 -9.70 -8.19
N SER A 6 3.71 -10.17 -8.88
CA SER A 6 3.55 -9.88 -10.30
C SER A 6 3.17 -8.42 -10.52
N GLY A 7 2.23 -7.93 -9.72
CA GLY A 7 1.78 -6.55 -9.83
C GLY A 7 1.37 -6.19 -11.24
N HIS A 8 2.31 -5.66 -12.02
CA HIS A 8 2.04 -5.27 -13.40
C HIS A 8 0.82 -4.34 -13.47
N GLY A 9 0.78 -3.38 -12.56
CA GLY A 9 -0.34 -2.43 -12.54
C GLY A 9 0.12 -1.00 -12.41
N GLU A 10 0.30 -0.34 -13.56
CA GLU A 10 0.74 1.06 -13.57
C GLU A 10 -0.45 2.01 -13.45
N ARG A 11 -1.36 1.69 -12.52
CA ARG A 11 -2.54 2.51 -12.30
C ARG A 11 -2.73 2.78 -10.81
N GLY A 12 -2.25 3.92 -10.34
CA GLY A 12 -2.39 4.27 -8.94
C GLY A 12 -1.40 3.53 -8.06
N HIS A 13 -1.71 3.43 -6.77
CA HIS A 13 -0.84 2.75 -5.82
C HIS A 13 -1.66 2.07 -4.72
N ARG A 14 -1.60 0.75 -4.68
CA ARG A 14 -2.33 -0.01 -3.67
C ARG A 14 -1.42 -0.40 -2.51
N CYS A 15 -1.96 -0.37 -1.30
CA CYS A 15 -1.20 -0.71 -0.10
C CYS A 15 -1.26 -2.22 0.15
N SER A 16 -0.23 -2.74 0.81
CA SER A 16 -0.16 -4.16 1.13
C SER A 16 -0.45 -4.41 2.60
N ASP A 17 -0.13 -3.43 3.44
CA ASP A 17 -0.36 -3.54 4.87
C ASP A 17 -1.83 -3.72 5.17
N CYS A 18 -2.67 -2.87 4.59
CA CYS A 18 -4.11 -2.94 4.79
C CYS A 18 -4.82 -3.43 3.53
N GLY A 19 -4.43 -2.86 2.40
CA GLY A 19 -5.05 -3.26 1.13
C GLY A 19 -5.93 -2.17 0.56
N LYS A 20 -5.45 -0.93 0.61
CA LYS A 20 -6.21 0.20 0.09
C LYS A 20 -5.75 0.57 -1.32
N PHE A 21 -6.30 1.65 -1.86
CA PHE A 21 -5.94 2.11 -3.20
C PHE A 21 -5.80 3.62 -3.23
N PHE A 22 -4.95 4.11 -4.13
CA PHE A 22 -4.73 5.54 -4.27
C PHE A 22 -4.42 5.91 -5.71
N LEU A 23 -4.39 7.21 -6.00
CA LEU A 23 -4.10 7.70 -7.34
C LEU A 23 -2.87 8.60 -7.35
N GLN A 24 -2.74 9.42 -6.30
CA GLN A 24 -1.61 10.33 -6.20
C GLN A 24 -0.52 9.73 -5.32
N ALA A 25 0.62 9.40 -5.94
CA ALA A 25 1.74 8.83 -5.22
C ALA A 25 1.84 9.41 -3.80
N SER A 26 1.97 10.72 -3.71
CA SER A 26 2.08 11.40 -2.43
C SER A 26 1.05 10.85 -1.44
N ASN A 27 -0.22 10.92 -1.82
CA ASN A 27 -1.30 10.43 -0.96
C ASN A 27 -1.07 8.98 -0.58
N PHE A 28 -0.40 8.24 -1.45
CA PHE A 28 -0.11 6.82 -1.20
C PHE A 28 1.05 6.67 -0.23
N ILE A 29 1.97 7.62 -0.27
CA ILE A 29 3.14 7.58 0.60
C ILE A 29 2.76 7.95 2.03
N GLN A 30 2.03 9.05 2.18
CA GLN A 30 1.61 9.50 3.50
C GLN A 30 0.65 8.50 4.14
N HIS A 31 0.30 7.47 3.39
CA HIS A 31 -0.62 6.44 3.88
C HIS A 31 0.17 5.24 4.41
N ARG A 32 1.28 4.92 3.76
CA ARG A 32 2.12 3.81 4.16
C ARG A 32 2.82 4.08 5.49
N ARG A 33 2.73 5.34 5.93
CA ARG A 33 3.36 5.74 7.19
C ARG A 33 2.53 5.25 8.38
N ILE A 34 1.22 5.39 8.29
CA ILE A 34 0.32 4.96 9.36
C ILE A 34 0.74 3.61 9.91
N HIS A 35 1.18 2.71 9.03
CA HIS A 35 1.61 1.38 9.43
C HIS A 35 2.98 1.44 10.11
N THR A 36 3.78 2.42 9.72
CA THR A 36 5.12 2.58 10.29
C THR A 36 5.04 3.01 11.74
N GLY A 37 5.46 2.12 12.64
CA GLY A 37 5.45 2.43 14.06
C GLY A 37 5.61 1.20 14.93
N GLU A 38 4.55 0.39 15.00
CA GLU A 38 4.58 -0.83 15.80
C GLU A 38 4.77 -2.06 14.91
N LYS A 39 5.38 -3.09 15.48
CA LYS A 39 5.61 -4.33 14.74
C LYS A 39 5.09 -5.54 15.52
N PRO A 40 4.55 -6.53 14.79
CA PRO A 40 4.01 -7.74 15.39
C PRO A 40 5.10 -8.64 15.97
N SER A 41 4.82 -9.23 17.13
CA SER A 41 5.78 -10.11 17.79
C SER A 41 6.35 -11.13 16.82
N GLY A 42 7.65 -11.04 16.58
CA GLY A 42 8.31 -11.96 15.67
C GLY A 42 9.18 -11.26 14.66
N PRO A 43 8.60 -10.90 13.51
CA PRO A 43 9.32 -10.22 12.43
C PRO A 43 9.69 -8.78 12.80
N SER A 44 10.97 -8.52 12.97
CA SER A 44 11.45 -7.19 13.33
C SER A 44 12.15 -6.53 12.15
N SER A 45 12.20 -5.20 12.16
CA SER A 45 12.83 -4.45 11.09
C SER A 45 14.35 -4.51 11.20
N GLY A 46 15.02 -4.62 10.07
CA GLY A 46 16.47 -4.69 10.07
C GLY A 46 17.10 -3.62 9.20
ZN ZN B . -2.27 0.82 4.22
N GLY A 1 6.20 -20.27 7.36
CA GLY A 1 5.58 -19.19 6.61
C GLY A 1 6.25 -18.95 5.27
N SER A 2 6.09 -17.75 4.74
CA SER A 2 6.69 -17.40 3.45
C SER A 2 6.92 -15.90 3.36
N SER A 3 8.03 -15.52 2.73
CA SER A 3 8.38 -14.11 2.57
C SER A 3 8.91 -13.82 1.16
N GLY A 4 8.83 -12.56 0.75
CA GLY A 4 9.31 -12.19 -0.56
C GLY A 4 8.84 -10.80 -0.97
N SER A 5 8.87 -10.52 -2.27
CA SER A 5 8.46 -9.23 -2.79
C SER A 5 7.32 -9.39 -3.80
N SER A 6 6.13 -8.93 -3.42
CA SER A 6 4.97 -9.02 -4.29
C SER A 6 4.10 -7.77 -4.17
N GLY A 7 3.36 -7.47 -5.23
CA GLY A 7 2.50 -6.29 -5.24
C GLY A 7 2.73 -5.41 -6.43
N HIS A 8 1.74 -5.33 -7.32
CA HIS A 8 1.84 -4.51 -8.52
C HIS A 8 0.66 -3.54 -8.62
N GLY A 9 0.82 -2.52 -9.44
CA GLY A 9 -0.25 -1.54 -9.61
C GLY A 9 0.04 -0.57 -10.75
N GLU A 10 -0.24 -1.01 -11.97
CA GLU A 10 0.00 -0.17 -13.15
C GLU A 10 -0.56 1.23 -12.94
N ARG A 11 -1.87 1.30 -12.70
CA ARG A 11 -2.54 2.58 -12.48
C ARG A 11 -2.77 2.82 -10.99
N GLY A 12 -2.24 3.94 -10.51
CA GLY A 12 -2.39 4.28 -9.10
C GLY A 12 -1.37 3.57 -8.21
N HIS A 13 -1.67 3.51 -6.92
CA HIS A 13 -0.77 2.85 -5.97
C HIS A 13 -1.57 2.17 -4.86
N ARG A 14 -1.55 0.85 -4.85
CA ARG A 14 -2.26 0.07 -3.85
C ARG A 14 -1.34 -0.31 -2.69
N CYS A 15 -1.89 -0.31 -1.47
CA CYS A 15 -1.11 -0.66 -0.29
C CYS A 15 -1.13 -2.17 -0.04
N SER A 16 -0.12 -2.66 0.66
CA SER A 16 -0.01 -4.08 0.96
C SER A 16 -0.30 -4.34 2.43
N ASP A 17 -0.02 -3.35 3.27
CA ASP A 17 -0.25 -3.48 4.71
C ASP A 17 -1.72 -3.71 5.00
N CYS A 18 -2.58 -2.85 4.46
CA CYS A 18 -4.02 -2.96 4.66
C CYS A 18 -4.71 -3.45 3.40
N GLY A 19 -4.34 -2.86 2.26
CA GLY A 19 -4.94 -3.24 0.99
C GLY A 19 -5.84 -2.16 0.42
N LYS A 20 -5.38 -0.91 0.51
CA LYS A 20 -6.15 0.22 0.00
C LYS A 20 -5.67 0.61 -1.40
N PHE A 21 -6.25 1.67 -1.94
CA PHE A 21 -5.89 2.16 -3.27
C PHE A 21 -5.76 3.68 -3.28
N PHE A 22 -4.92 4.18 -4.17
CA PHE A 22 -4.71 5.63 -4.28
C PHE A 22 -4.38 6.02 -5.72
N LEU A 23 -4.31 7.31 -5.98
CA LEU A 23 -4.01 7.82 -7.32
C LEU A 23 -2.79 8.72 -7.29
N GLN A 24 -2.68 9.55 -6.24
CA GLN A 24 -1.55 10.47 -6.10
C GLN A 24 -0.46 9.85 -5.23
N ALA A 25 0.68 9.55 -5.84
CA ALA A 25 1.80 8.97 -5.13
C ALA A 25 1.89 9.51 -3.69
N SER A 26 1.98 10.83 -3.58
CA SER A 26 2.07 11.49 -2.28
C SER A 26 1.03 10.90 -1.31
N ASN A 27 -0.24 10.97 -1.70
CA ASN A 27 -1.32 10.45 -0.87
C ASN A 27 -1.07 8.99 -0.50
N PHE A 28 -0.39 8.27 -1.38
CA PHE A 28 -0.10 6.86 -1.15
C PHE A 28 1.06 6.71 -0.17
N ILE A 29 1.98 7.67 -0.20
CA ILE A 29 3.14 7.64 0.69
C ILE A 29 2.74 7.99 2.12
N GLN A 30 2.01 9.08 2.28
CA GLN A 30 1.56 9.52 3.60
C GLN A 30 0.60 8.50 4.21
N HIS A 31 0.26 7.47 3.44
CA HIS A 31 -0.66 6.44 3.89
C HIS A 31 0.12 5.23 4.42
N ARG A 32 1.26 4.95 3.80
CA ARG A 32 2.08 3.82 4.19
C ARG A 32 2.77 4.09 5.53
N ARG A 33 2.68 5.33 5.99
CA ARG A 33 3.29 5.72 7.26
C ARG A 33 2.46 5.23 8.44
N ILE A 34 1.14 5.32 8.31
CA ILE A 34 0.24 4.89 9.37
C ILE A 34 0.67 3.52 9.92
N HIS A 35 1.07 2.62 9.03
CA HIS A 35 1.49 1.29 9.42
C HIS A 35 2.86 1.34 10.12
N THR A 36 3.64 2.38 9.81
CA THR A 36 4.95 2.54 10.41
C THR A 36 4.85 3.00 11.85
N GLY A 37 4.06 4.06 12.07
CA GLY A 37 3.90 4.58 13.42
C GLY A 37 3.50 3.51 14.41
N GLU A 38 2.28 2.99 14.26
CA GLU A 38 1.77 1.95 15.15
C GLU A 38 1.51 0.66 14.38
N LYS A 39 2.02 -0.45 14.91
CA LYS A 39 1.85 -1.75 14.28
C LYS A 39 1.07 -2.70 15.21
N PRO A 40 0.41 -3.70 14.61
CA PRO A 40 -0.38 -4.68 15.35
C PRO A 40 0.51 -5.62 16.16
N SER A 41 -0.08 -6.22 17.20
CA SER A 41 0.65 -7.14 18.06
C SER A 41 0.92 -8.46 17.34
N GLY A 42 2.20 -8.76 17.14
CA GLY A 42 2.57 -9.99 16.46
C GLY A 42 1.56 -10.40 15.40
N PRO A 43 1.52 -9.63 14.31
CA PRO A 43 0.60 -9.89 13.20
C PRO A 43 0.97 -11.15 12.41
N SER A 44 0.04 -11.66 11.63
CA SER A 44 0.27 -12.86 10.83
C SER A 44 0.78 -12.50 9.44
N SER A 45 0.11 -11.55 8.79
CA SER A 45 0.49 -11.10 7.46
C SER A 45 0.91 -12.30 6.60
N GLY A 46 0.18 -13.41 6.74
CA GLY A 46 0.48 -14.60 5.97
C GLY A 46 -0.17 -14.59 4.60
ZN ZN B . -2.25 0.77 4.05
N GLY A 1 -15.93 -22.97 -19.19
CA GLY A 1 -15.10 -22.59 -18.07
C GLY A 1 -14.87 -21.09 -18.00
N SER A 2 -15.40 -20.46 -16.96
CA SER A 2 -15.27 -19.02 -16.78
C SER A 2 -13.83 -18.66 -16.43
N SER A 3 -13.05 -18.29 -17.45
CA SER A 3 -11.65 -17.92 -17.26
C SER A 3 -11.23 -16.85 -18.25
N GLY A 4 -10.73 -15.74 -17.73
CA GLY A 4 -10.29 -14.65 -18.59
C GLY A 4 -10.22 -13.33 -17.86
N SER A 5 -9.65 -12.31 -18.52
CA SER A 5 -9.51 -10.99 -17.92
C SER A 5 -10.83 -10.22 -18.01
N SER A 6 -11.00 -9.26 -17.10
CA SER A 6 -12.21 -8.45 -17.06
C SER A 6 -11.98 -7.11 -17.74
N GLY A 7 -10.95 -6.39 -17.28
CA GLY A 7 -10.64 -5.09 -17.85
C GLY A 7 -10.64 -4.00 -16.82
N HIS A 8 -9.57 -3.91 -16.04
CA HIS A 8 -9.44 -2.89 -15.00
C HIS A 8 -8.05 -2.26 -15.01
N GLY A 9 -8.00 -0.96 -14.71
CA GLY A 9 -6.73 -0.26 -14.69
C GLY A 9 -6.13 -0.19 -13.31
N GLU A 10 -4.84 -0.52 -13.21
CA GLU A 10 -4.14 -0.50 -11.92
C GLU A 10 -3.14 0.64 -11.88
N ARG A 11 -3.40 1.69 -12.64
CA ARG A 11 -2.51 2.85 -12.69
C ARG A 11 -2.56 3.62 -11.37
N GLY A 12 -1.68 3.25 -10.45
CA GLY A 12 -1.64 3.92 -9.16
C GLY A 12 -0.68 3.25 -8.19
N HIS A 13 -0.91 3.47 -6.89
CA HIS A 13 -0.06 2.87 -5.86
C HIS A 13 -0.90 2.16 -4.81
N ARG A 14 -0.86 0.84 -4.82
CA ARG A 14 -1.62 0.04 -3.87
C ARG A 14 -0.78 -0.28 -2.64
N CYS A 15 -1.43 -0.34 -1.48
CA CYS A 15 -0.75 -0.63 -0.23
C CYS A 15 -0.73 -2.14 0.04
N SER A 16 0.27 -2.58 0.79
CA SER A 16 0.41 -4.00 1.13
C SER A 16 0.00 -4.26 2.57
N ASP A 17 0.15 -3.25 3.41
CA ASP A 17 -0.21 -3.37 4.82
C ASP A 17 -1.70 -3.67 4.98
N CYS A 18 -2.53 -2.88 4.33
CA CYS A 18 -3.98 -3.07 4.40
C CYS A 18 -4.52 -3.57 3.07
N GLY A 19 -4.08 -2.95 1.98
CA GLY A 19 -4.53 -3.36 0.66
C GLY A 19 -5.40 -2.29 0.00
N LYS A 20 -5.02 -1.04 0.16
CA LYS A 20 -5.77 0.07 -0.42
C LYS A 20 -5.19 0.46 -1.77
N PHE A 21 -5.75 1.51 -2.37
CA PHE A 21 -5.28 1.99 -3.67
C PHE A 21 -5.22 3.51 -3.70
N PHE A 22 -4.32 4.04 -4.52
CA PHE A 22 -4.15 5.49 -4.65
C PHE A 22 -3.71 5.86 -6.05
N LEU A 23 -3.75 7.16 -6.35
CA LEU A 23 -3.36 7.66 -7.67
C LEU A 23 -2.17 8.61 -7.54
N GLN A 24 -2.14 9.38 -6.46
CA GLN A 24 -1.06 10.34 -6.24
C GLN A 24 -0.06 9.80 -5.23
N ALA A 25 1.15 9.51 -5.69
CA ALA A 25 2.21 8.99 -4.83
C ALA A 25 2.12 9.60 -3.43
N SER A 26 2.21 10.92 -3.36
CA SER A 26 2.14 11.62 -2.08
C SER A 26 1.05 11.03 -1.19
N ASN A 27 -0.17 11.01 -1.70
CA ASN A 27 -1.30 10.47 -0.95
C ASN A 27 -1.04 9.02 -0.55
N PHE A 28 -0.26 8.31 -1.37
CA PHE A 28 0.06 6.92 -1.11
C PHE A 28 1.14 6.80 -0.02
N ILE A 29 2.02 7.79 0.03
CA ILE A 29 3.10 7.80 1.00
C ILE A 29 2.57 8.12 2.40
N GLN A 30 1.80 9.19 2.50
CA GLN A 30 1.22 9.61 3.78
C GLN A 30 0.26 8.56 4.30
N HIS A 31 0.02 7.52 3.51
CA HIS A 31 -0.89 6.45 3.89
C HIS A 31 -0.11 5.27 4.48
N ARG A 32 1.07 5.01 3.94
CA ARG A 32 1.90 3.91 4.40
C ARG A 32 2.45 4.21 5.80
N ARG A 33 2.31 5.44 6.24
CA ARG A 33 2.78 5.85 7.56
C ARG A 33 1.87 5.30 8.66
N ILE A 34 0.56 5.40 8.44
CA ILE A 34 -0.40 4.91 9.42
C ILE A 34 0.02 3.57 9.99
N HIS A 35 0.59 2.72 9.14
CA HIS A 35 1.05 1.41 9.57
C HIS A 35 2.36 1.51 10.36
N THR A 36 3.16 2.51 10.03
CA THR A 36 4.44 2.73 10.71
C THR A 36 4.23 3.09 12.18
N GLY A 37 3.07 3.68 12.47
CA GLY A 37 2.76 4.06 13.84
C GLY A 37 1.85 5.27 13.92
N GLU A 38 1.64 5.92 12.77
CA GLU A 38 0.79 7.10 12.72
C GLU A 38 -0.68 6.71 12.79
N LYS A 39 -1.03 5.91 13.79
CA LYS A 39 -2.41 5.46 13.96
C LYS A 39 -2.63 4.94 15.38
N PRO A 40 -3.81 5.24 15.94
CA PRO A 40 -4.16 4.81 17.30
C PRO A 40 -4.40 3.32 17.39
N SER A 41 -4.45 2.80 18.61
CA SER A 41 -4.67 1.37 18.83
C SER A 41 -5.59 0.79 17.76
N GLY A 42 -6.86 1.18 17.81
CA GLY A 42 -7.83 0.70 16.84
C GLY A 42 -9.23 1.16 17.14
N PRO A 43 -9.45 2.49 17.05
CA PRO A 43 -10.76 3.09 17.32
C PRO A 43 -11.78 2.76 16.24
N SER A 44 -11.31 2.15 15.15
CA SER A 44 -12.17 1.79 14.04
C SER A 44 -12.76 0.39 14.25
N SER A 45 -13.09 0.07 15.50
CA SER A 45 -13.66 -1.23 15.83
C SER A 45 -15.17 -1.24 15.61
N GLY A 46 -15.84 -0.21 16.10
CA GLY A 46 -17.29 -0.12 15.94
C GLY A 46 -18.03 -0.61 17.16
ZN ZN B . -2.32 0.74 4.00
N GLY A 1 -12.47 -5.38 -24.04
CA GLY A 1 -12.99 -4.31 -23.21
C GLY A 1 -12.56 -2.95 -23.70
N SER A 2 -13.43 -2.29 -24.45
CA SER A 2 -13.14 -0.96 -25.00
C SER A 2 -13.50 0.12 -23.98
N SER A 3 -12.93 0.02 -22.78
CA SER A 3 -13.20 0.99 -21.73
C SER A 3 -12.16 2.11 -21.74
N GLY A 4 -11.95 2.71 -22.90
CA GLY A 4 -10.98 3.77 -23.03
C GLY A 4 -9.77 3.36 -23.82
N SER A 5 -9.39 4.17 -24.82
CA SER A 5 -8.23 3.87 -25.65
C SER A 5 -7.04 4.72 -25.23
N SER A 6 -6.85 4.86 -23.92
CA SER A 6 -5.75 5.65 -23.39
C SER A 6 -4.77 4.76 -22.62
N GLY A 7 -5.30 3.92 -21.75
CA GLY A 7 -4.48 3.03 -20.95
C GLY A 7 -5.11 2.66 -19.63
N HIS A 8 -4.98 3.56 -18.65
CA HIS A 8 -5.55 3.32 -17.33
C HIS A 8 -5.24 1.90 -16.85
N GLY A 9 -3.98 1.49 -16.99
CA GLY A 9 -3.58 0.17 -16.57
C GLY A 9 -3.34 0.09 -15.07
N GLU A 10 -4.22 0.69 -14.29
CA GLU A 10 -4.10 0.68 -12.84
C GLU A 10 -2.96 1.59 -12.39
N ARG A 11 -2.87 2.76 -13.00
CA ARG A 11 -1.82 3.72 -12.66
C ARG A 11 -2.03 4.27 -11.26
N GLY A 12 -1.42 3.61 -10.28
CA GLY A 12 -1.55 4.05 -8.89
C GLY A 12 -0.58 3.34 -7.97
N HIS A 13 -0.98 3.20 -6.71
CA HIS A 13 -0.14 2.53 -5.72
C HIS A 13 -0.99 1.83 -4.66
N ARG A 14 -0.97 0.50 -4.68
CA ARG A 14 -1.74 -0.28 -3.73
C ARG A 14 -0.92 -0.59 -2.47
N CYS A 15 -1.56 -0.50 -1.31
CA CYS A 15 -0.89 -0.76 -0.04
C CYS A 15 -0.89 -2.26 0.27
N SER A 16 0.09 -2.68 1.06
CA SER A 16 0.21 -4.09 1.44
C SER A 16 -0.22 -4.30 2.88
N ASP A 17 -0.01 -3.30 3.72
CA ASP A 17 -0.38 -3.37 5.13
C ASP A 17 -1.87 -3.64 5.29
N CYS A 18 -2.68 -2.86 4.59
CA CYS A 18 -4.14 -3.00 4.65
C CYS A 18 -4.68 -3.56 3.33
N GLY A 19 -4.19 -3.01 2.22
CA GLY A 19 -4.64 -3.46 0.92
C GLY A 19 -5.50 -2.43 0.21
N LYS A 20 -5.15 -1.17 0.38
CA LYS A 20 -5.89 -0.08 -0.24
C LYS A 20 -5.28 0.28 -1.59
N PHE A 21 -5.84 1.31 -2.24
CA PHE A 21 -5.36 1.74 -3.54
C PHE A 21 -5.32 3.27 -3.62
N PHE A 22 -4.41 3.81 -4.43
CA PHE A 22 -4.27 5.24 -4.60
C PHE A 22 -3.88 5.59 -6.02
N LEU A 23 -3.81 6.89 -6.31
CA LEU A 23 -3.45 7.36 -7.64
C LEU A 23 -2.29 8.35 -7.58
N GLN A 24 -2.25 9.13 -6.50
CA GLN A 24 -1.19 10.12 -6.32
C GLN A 24 -0.13 9.61 -5.34
N ALA A 25 1.06 9.36 -5.85
CA ALA A 25 2.16 8.87 -5.02
C ALA A 25 2.09 9.46 -3.62
N SER A 26 2.25 10.77 -3.53
CA SER A 26 2.21 11.45 -2.24
C SER A 26 1.12 10.88 -1.35
N ASN A 27 -0.12 10.92 -1.84
CA ASN A 27 -1.26 10.41 -1.09
C ASN A 27 -1.02 8.95 -0.67
N PHE A 28 -0.30 8.22 -1.51
CA PHE A 28 0.00 6.82 -1.23
C PHE A 28 1.10 6.70 -0.17
N ILE A 29 2.00 7.68 -0.15
CA ILE A 29 3.10 7.68 0.81
C ILE A 29 2.61 8.05 2.20
N GLN A 30 1.85 9.13 2.29
CA GLN A 30 1.32 9.59 3.57
C GLN A 30 0.35 8.57 4.15
N HIS A 31 0.09 7.52 3.39
CA HIS A 31 -0.83 6.46 3.84
C HIS A 31 -0.06 5.29 4.43
N ARG A 32 1.11 5.02 3.86
CA ARG A 32 1.95 3.91 4.34
C ARG A 32 2.55 4.25 5.71
N ARG A 33 2.38 5.48 6.15
CA ARG A 33 2.90 5.92 7.43
C ARG A 33 2.01 5.44 8.57
N ILE A 34 0.70 5.55 8.39
CA ILE A 34 -0.26 5.12 9.40
C ILE A 34 0.15 3.79 10.01
N HIS A 35 0.65 2.88 9.16
CA HIS A 35 1.06 1.57 9.63
C HIS A 35 2.38 1.66 10.40
N THR A 36 3.19 2.66 10.07
CA THR A 36 4.47 2.86 10.73
C THR A 36 4.28 3.32 12.17
N GLY A 37 4.56 2.43 13.11
CA GLY A 37 4.41 2.76 14.52
C GLY A 37 4.70 1.58 15.43
N GLU A 38 3.67 0.79 15.73
CA GLU A 38 3.83 -0.37 16.59
C GLU A 38 2.66 -1.34 16.40
N LYS A 39 2.96 -2.64 16.49
CA LYS A 39 1.95 -3.67 16.33
C LYS A 39 2.08 -4.74 17.42
N PRO A 40 0.96 -5.01 18.11
CA PRO A 40 0.92 -6.01 19.18
C PRO A 40 1.07 -7.43 18.65
N SER A 41 2.05 -8.15 19.19
CA SER A 41 2.30 -9.53 18.77
C SER A 41 1.14 -10.44 19.18
N GLY A 42 0.44 -10.99 18.18
CA GLY A 42 -0.67 -11.86 18.46
C GLY A 42 -1.82 -11.67 17.49
N PRO A 43 -2.55 -10.55 17.65
CA PRO A 43 -3.69 -10.22 16.79
C PRO A 43 -3.27 -9.86 15.37
N SER A 44 -2.08 -9.26 15.26
CA SER A 44 -1.57 -8.86 13.95
C SER A 44 -0.47 -9.82 13.49
N SER A 45 -0.87 -10.83 12.72
CA SER A 45 0.08 -11.83 12.21
C SER A 45 1.05 -11.19 11.23
N GLY A 46 2.32 -11.53 11.36
CA GLY A 46 3.34 -10.99 10.47
C GLY A 46 3.91 -12.03 9.53
ZN ZN B . -2.41 0.81 4.17
N GLY A 1 -9.82 -10.19 -27.36
CA GLY A 1 -10.21 -9.53 -26.14
C GLY A 1 -10.84 -10.49 -25.14
N SER A 2 -11.64 -9.95 -24.22
CA SER A 2 -12.29 -10.77 -23.21
C SER A 2 -13.77 -10.38 -23.08
N SER A 3 -14.59 -11.35 -22.69
CA SER A 3 -16.02 -11.12 -22.53
C SER A 3 -16.39 -11.01 -21.05
N GLY A 4 -17.42 -10.22 -20.77
CA GLY A 4 -17.85 -10.04 -19.39
C GLY A 4 -17.18 -8.86 -18.72
N SER A 5 -16.33 -9.14 -17.74
CA SER A 5 -15.62 -8.09 -17.02
C SER A 5 -14.19 -8.51 -16.71
N SER A 6 -13.28 -7.54 -16.72
CA SER A 6 -11.88 -7.82 -16.44
C SER A 6 -11.12 -6.52 -16.15
N GLY A 7 -10.29 -6.54 -15.11
CA GLY A 7 -9.52 -5.37 -14.75
C GLY A 7 -8.78 -4.78 -15.94
N HIS A 8 -8.97 -3.48 -16.17
CA HIS A 8 -8.32 -2.80 -17.28
C HIS A 8 -7.93 -1.38 -16.89
N GLY A 9 -6.66 -1.04 -17.08
CA GLY A 9 -6.18 0.29 -16.74
C GLY A 9 -5.64 0.37 -15.33
N GLU A 10 -4.44 -0.19 -15.13
CA GLU A 10 -3.81 -0.18 -13.82
C GLU A 10 -2.82 0.97 -13.70
N ARG A 11 -3.07 1.87 -12.75
CA ARG A 11 -2.19 3.02 -12.53
C ARG A 11 -2.42 3.61 -11.15
N GLY A 12 -1.40 3.55 -10.30
CA GLY A 12 -1.50 4.09 -8.96
C GLY A 12 -0.54 3.44 -7.99
N HIS A 13 -0.97 3.27 -6.74
CA HIS A 13 -0.13 2.66 -5.72
C HIS A 13 -0.98 1.97 -4.67
N ARG A 14 -0.99 0.64 -4.69
CA ARG A 14 -1.77 -0.14 -3.74
C ARG A 14 -0.92 -0.50 -2.52
N CYS A 15 -1.54 -0.45 -1.35
CA CYS A 15 -0.85 -0.77 -0.10
C CYS A 15 -0.87 -2.27 0.16
N SER A 16 0.14 -2.76 0.88
CA SER A 16 0.23 -4.18 1.20
C SER A 16 -0.17 -4.43 2.65
N ASP A 17 0.05 -3.45 3.50
CA ASP A 17 -0.29 -3.57 4.92
C ASP A 17 -1.79 -3.80 5.10
N CYS A 18 -2.59 -2.93 4.48
CA CYS A 18 -4.04 -3.05 4.57
C CYS A 18 -4.63 -3.56 3.26
N GLY A 19 -4.17 -2.99 2.14
CA GLY A 19 -4.67 -3.40 0.85
C GLY A 19 -5.53 -2.34 0.20
N LYS A 20 -5.13 -1.08 0.35
CA LYS A 20 -5.87 0.03 -0.23
C LYS A 20 -5.31 0.41 -1.60
N PHE A 21 -5.85 1.46 -2.19
CA PHE A 21 -5.40 1.92 -3.50
C PHE A 21 -5.32 3.44 -3.55
N PHE A 22 -4.44 3.96 -4.39
CA PHE A 22 -4.26 5.40 -4.54
C PHE A 22 -3.85 5.77 -5.96
N LEU A 23 -3.79 7.06 -6.24
CA LEU A 23 -3.41 7.54 -7.56
C LEU A 23 -2.22 8.49 -7.47
N GLN A 24 -2.21 9.32 -6.44
CA GLN A 24 -1.13 10.27 -6.24
C GLN A 24 -0.09 9.74 -5.27
N ALA A 25 1.13 9.54 -5.75
CA ALA A 25 2.21 9.03 -4.92
C ALA A 25 2.13 9.60 -3.51
N SER A 26 2.25 10.93 -3.41
CA SER A 26 2.20 11.59 -2.11
C SER A 26 1.11 11.00 -1.23
N ASN A 27 -0.12 11.00 -1.73
CA ASN A 27 -1.25 10.46 -0.99
C ASN A 27 -0.97 9.02 -0.55
N PHE A 28 -0.25 8.28 -1.38
CA PHE A 28 0.09 6.90 -1.09
C PHE A 28 1.15 6.81 0.00
N ILE A 29 2.04 7.81 0.02
CA ILE A 29 3.11 7.85 1.01
C ILE A 29 2.57 8.21 2.39
N GLN A 30 1.76 9.25 2.46
CA GLN A 30 1.18 9.69 3.72
C GLN A 30 0.23 8.63 4.28
N HIS A 31 0.02 7.56 3.52
CA HIS A 31 -0.86 6.49 3.93
C HIS A 31 -0.07 5.34 4.54
N ARG A 32 1.12 5.09 3.99
CA ARG A 32 1.98 4.02 4.48
C ARG A 32 2.52 4.34 5.86
N ARG A 33 2.33 5.58 6.29
CA ARG A 33 2.80 6.03 7.60
C ARG A 33 1.92 5.47 8.71
N ILE A 34 0.61 5.50 8.50
CA ILE A 34 -0.35 5.00 9.49
C ILE A 34 0.10 3.66 10.06
N HIS A 35 0.71 2.84 9.20
CA HIS A 35 1.20 1.53 9.62
C HIS A 35 2.49 1.66 10.42
N THR A 36 3.25 2.71 10.14
CA THR A 36 4.51 2.94 10.82
C THR A 36 4.29 3.30 12.29
N GLY A 37 4.66 2.38 13.18
CA GLY A 37 4.50 2.62 14.60
C GLY A 37 4.07 1.37 15.35
N GLU A 38 4.92 0.34 15.30
CA GLU A 38 4.62 -0.92 15.97
C GLU A 38 5.40 -1.03 17.28
N LYS A 39 4.74 -1.52 18.33
CA LYS A 39 5.37 -1.68 19.63
C LYS A 39 6.01 -3.06 19.76
N PRO A 40 7.29 -3.08 20.17
CA PRO A 40 8.05 -4.32 20.34
C PRO A 40 7.55 -5.13 21.53
N SER A 41 8.29 -6.18 21.87
CA SER A 41 7.93 -7.05 22.99
C SER A 41 7.75 -6.23 24.27
N GLY A 42 8.80 -5.52 24.66
CA GLY A 42 8.74 -4.71 25.86
C GLY A 42 9.56 -3.44 25.74
N PRO A 43 9.01 -2.44 25.06
CA PRO A 43 9.67 -1.14 24.86
C PRO A 43 9.78 -0.33 26.14
N SER A 44 10.75 0.55 26.21
CA SER A 44 10.96 1.39 27.39
C SER A 44 10.88 2.87 27.03
N SER A 45 9.68 3.43 27.11
CA SER A 45 9.47 4.83 26.79
C SER A 45 9.05 5.62 28.04
N GLY A 46 7.92 5.23 28.62
CA GLY A 46 7.44 5.91 29.82
C GLY A 46 8.42 5.84 30.96
ZN ZN B . -2.25 0.75 4.13
N GLY A 1 -10.61 -24.11 -21.63
CA GLY A 1 -9.21 -23.74 -21.71
C GLY A 1 -8.87 -22.56 -20.83
N SER A 2 -7.57 -22.29 -20.70
CA SER A 2 -7.12 -21.17 -19.87
C SER A 2 -5.86 -20.53 -20.46
N SER A 3 -5.98 -19.27 -20.84
CA SER A 3 -4.86 -18.54 -21.42
C SER A 3 -5.12 -17.04 -21.41
N GLY A 4 -4.04 -16.26 -21.52
CA GLY A 4 -4.18 -14.81 -21.51
C GLY A 4 -2.87 -14.12 -21.15
N SER A 5 -1.91 -14.15 -22.05
CA SER A 5 -0.62 -13.52 -21.82
C SER A 5 -0.77 -12.03 -21.57
N SER A 6 -1.44 -11.34 -22.50
CA SER A 6 -1.66 -9.91 -22.39
C SER A 6 -2.32 -9.56 -21.05
N GLY A 7 -1.86 -8.48 -20.44
CA GLY A 7 -2.42 -8.06 -19.17
C GLY A 7 -1.41 -7.36 -18.29
N HIS A 8 -1.25 -6.06 -18.48
CA HIS A 8 -0.30 -5.28 -17.70
C HIS A 8 -0.61 -3.78 -17.79
N GLY A 9 -0.25 -3.04 -16.75
CA GLY A 9 -0.51 -1.61 -16.74
C GLY A 9 -1.18 -1.14 -15.46
N GLU A 10 -0.52 -1.39 -14.33
CA GLU A 10 -1.06 -1.00 -13.04
C GLU A 10 -1.07 0.53 -12.89
N ARG A 11 -2.19 1.06 -12.42
CA ARG A 11 -2.33 2.50 -12.23
C ARG A 11 -2.48 2.84 -10.75
N GLY A 12 -2.01 4.03 -10.37
CA GLY A 12 -2.10 4.45 -8.98
C GLY A 12 -1.12 3.74 -8.09
N HIS A 13 -1.49 3.54 -6.83
CA HIS A 13 -0.62 2.87 -5.87
C HIS A 13 -1.45 2.17 -4.79
N ARG A 14 -1.39 0.84 -4.77
CA ARG A 14 -2.12 0.06 -3.78
C ARG A 14 -1.22 -0.33 -2.61
N CYS A 15 -1.80 -0.33 -1.42
CA CYS A 15 -1.05 -0.69 -0.21
C CYS A 15 -1.09 -2.20 0.02
N SER A 16 -0.09 -2.70 0.74
CA SER A 16 0.00 -4.13 1.04
C SER A 16 -0.35 -4.41 2.50
N ASP A 17 -0.06 -3.42 3.36
CA ASP A 17 -0.34 -3.56 4.78
C ASP A 17 -1.83 -3.76 5.04
N CYS A 18 -2.65 -2.88 4.47
CA CYS A 18 -4.10 -2.97 4.63
C CYS A 18 -4.76 -3.44 3.34
N GLY A 19 -4.35 -2.86 2.22
CA GLY A 19 -4.92 -3.24 0.93
C GLY A 19 -5.81 -2.15 0.35
N LYS A 20 -5.34 -0.91 0.39
CA LYS A 20 -6.09 0.21 -0.13
C LYS A 20 -5.58 0.62 -1.51
N PHE A 21 -6.15 1.68 -2.06
CA PHE A 21 -5.75 2.17 -3.37
C PHE A 21 -5.64 3.69 -3.38
N PHE A 22 -4.78 4.21 -4.24
CA PHE A 22 -4.57 5.65 -4.34
C PHE A 22 -4.21 6.05 -5.77
N LEU A 23 -4.22 7.35 -6.03
CA LEU A 23 -3.89 7.87 -7.36
C LEU A 23 -2.69 8.81 -7.30
N GLN A 24 -2.63 9.61 -6.24
CA GLN A 24 -1.54 10.55 -6.07
C GLN A 24 -0.45 9.97 -5.17
N ALA A 25 0.71 9.70 -5.76
CA ALA A 25 1.83 9.14 -5.01
C ALA A 25 1.86 9.67 -3.58
N SER A 26 1.97 10.98 -3.44
CA SER A 26 2.01 11.60 -2.13
C SER A 26 0.96 11.00 -1.20
N ASN A 27 -0.31 11.08 -1.62
CA ASN A 27 -1.40 10.54 -0.82
C ASN A 27 -1.15 9.07 -0.47
N PHE A 28 -0.44 8.38 -1.35
CA PHE A 28 -0.13 6.97 -1.12
C PHE A 28 1.03 6.82 -0.14
N ILE A 29 1.94 7.79 -0.15
CA ILE A 29 3.08 7.77 0.75
C ILE A 29 2.67 8.09 2.18
N GLN A 30 1.92 9.16 2.34
CA GLN A 30 1.46 9.57 3.67
C GLN A 30 0.51 8.53 4.27
N HIS A 31 0.20 7.50 3.48
CA HIS A 31 -0.70 6.45 3.93
C HIS A 31 0.10 5.24 4.43
N ARG A 32 1.23 4.96 3.78
CA ARG A 32 2.08 3.85 4.15
C ARG A 32 2.74 4.10 5.51
N ARG A 33 2.64 5.34 5.99
CA ARG A 33 3.24 5.70 7.27
C ARG A 33 2.41 5.15 8.42
N ILE A 34 1.09 5.29 8.32
CA ILE A 34 0.19 4.80 9.36
C ILE A 34 0.63 3.44 9.87
N HIS A 35 1.15 2.61 8.97
CA HIS A 35 1.61 1.27 9.34
C HIS A 35 2.98 1.34 10.01
N THR A 36 3.78 2.33 9.62
CA THR A 36 5.11 2.49 10.18
C THR A 36 5.05 2.79 11.67
N GLY A 37 5.52 1.84 12.48
CA GLY A 37 5.51 2.01 13.92
C GLY A 37 6.26 0.93 14.64
N GLU A 38 5.82 0.58 15.85
CA GLU A 38 6.46 -0.45 16.64
C GLU A 38 5.93 -1.83 16.28
N LYS A 39 5.80 -2.09 14.98
CA LYS A 39 5.31 -3.37 14.50
C LYS A 39 6.37 -4.45 14.64
N PRO A 40 5.93 -5.72 14.71
CA PRO A 40 6.83 -6.87 14.84
C PRO A 40 7.62 -7.13 13.57
N SER A 41 8.74 -7.83 13.70
CA SER A 41 9.59 -8.15 12.56
C SER A 41 9.17 -9.47 11.92
N GLY A 42 8.64 -9.38 10.71
CA GLY A 42 8.21 -10.57 10.00
C GLY A 42 7.62 -11.60 10.92
N PRO A 43 6.44 -11.30 11.49
CA PRO A 43 5.75 -12.21 12.40
C PRO A 43 5.20 -13.44 11.70
N SER A 44 4.80 -14.45 12.48
CA SER A 44 4.26 -15.68 11.93
C SER A 44 5.02 -16.09 10.67
N SER A 45 6.34 -15.95 10.71
CA SER A 45 7.18 -16.30 9.57
C SER A 45 8.31 -17.23 10.00
N GLY A 46 9.06 -17.74 9.02
CA GLY A 46 10.16 -18.63 9.32
C GLY A 46 10.67 -19.34 8.08
ZN ZN B . -2.25 0.78 4.11
N GLY A 1 6.50 -10.80 -1.49
CA GLY A 1 6.00 -10.61 -2.84
C GLY A 1 6.96 -11.14 -3.88
N SER A 2 6.42 -11.58 -5.02
CA SER A 2 7.23 -12.12 -6.10
C SER A 2 7.51 -11.05 -7.16
N SER A 3 8.37 -11.39 -8.12
CA SER A 3 8.72 -10.45 -9.18
C SER A 3 8.46 -11.08 -10.56
N GLY A 4 8.09 -10.25 -11.51
CA GLY A 4 7.82 -10.73 -12.86
C GLY A 4 8.02 -9.66 -13.92
N SER A 5 8.30 -10.09 -15.14
CA SER A 5 8.52 -9.16 -16.25
C SER A 5 7.19 -8.71 -16.85
N SER A 6 6.27 -8.31 -15.98
CA SER A 6 4.95 -7.86 -16.43
C SER A 6 4.90 -6.33 -16.50
N GLY A 7 4.19 -5.81 -17.50
CA GLY A 7 4.07 -4.37 -17.66
C GLY A 7 2.86 -3.81 -16.94
N HIS A 8 3.11 -2.99 -15.93
CA HIS A 8 2.02 -2.38 -15.16
C HIS A 8 1.67 -1.00 -15.71
N GLY A 9 2.69 -0.18 -15.93
CA GLY A 9 2.47 1.15 -16.46
C GLY A 9 2.02 2.13 -15.39
N GLU A 10 1.48 3.27 -15.81
CA GLU A 10 1.02 4.29 -14.89
C GLU A 10 -0.37 3.93 -14.35
N ARG A 11 -0.42 3.54 -13.08
CA ARG A 11 -1.69 3.17 -12.45
C ARG A 11 -1.69 3.56 -10.97
N GLY A 12 -2.81 3.32 -10.31
CA GLY A 12 -2.92 3.64 -8.90
C GLY A 12 -1.87 2.94 -8.05
N HIS A 13 -2.11 2.88 -6.75
CA HIS A 13 -1.18 2.24 -5.83
C HIS A 13 -1.92 1.63 -4.64
N ARG A 14 -1.95 0.30 -4.58
CA ARG A 14 -2.63 -0.40 -3.50
C ARG A 14 -1.67 -0.66 -2.33
N CYS A 15 -2.18 -0.55 -1.11
CA CYS A 15 -1.38 -0.76 0.08
C CYS A 15 -1.34 -2.24 0.45
N SER A 16 -0.30 -2.63 1.17
CA SER A 16 -0.14 -4.03 1.59
C SER A 16 -0.46 -4.19 3.07
N ASP A 17 -0.16 -3.15 3.85
CA ASP A 17 -0.40 -3.19 5.29
C ASP A 17 -1.88 -3.44 5.58
N CYS A 18 -2.75 -2.58 5.07
CA CYS A 18 -4.18 -2.71 5.27
C CYS A 18 -4.86 -3.27 4.02
N GLY A 19 -4.46 -2.76 2.86
CA GLY A 19 -5.04 -3.23 1.62
C GLY A 19 -5.91 -2.17 0.96
N LYS A 20 -5.55 -0.90 1.15
CA LYS A 20 -6.31 0.19 0.56
C LYS A 20 -5.86 0.47 -0.87
N PHE A 21 -6.45 1.49 -1.49
CA PHE A 21 -6.11 1.85 -2.85
C PHE A 21 -5.97 3.36 -3.00
N PHE A 22 -5.15 3.79 -3.95
CA PHE A 22 -4.93 5.21 -4.20
C PHE A 22 -4.67 5.48 -5.68
N LEU A 23 -4.44 6.75 -6.01
CA LEU A 23 -4.18 7.13 -7.40
C LEU A 23 -2.92 7.99 -7.48
N GLN A 24 -2.71 8.83 -6.47
CA GLN A 24 -1.55 9.72 -6.43
C GLN A 24 -0.47 9.14 -5.53
N ALA A 25 0.65 8.75 -6.12
CA ALA A 25 1.76 8.19 -5.36
C ALA A 25 1.90 8.87 -4.01
N SER A 26 2.17 10.17 -4.03
CA SER A 26 2.32 10.93 -2.79
C SER A 26 1.29 10.51 -1.76
N ASN A 27 0.01 10.60 -2.11
CA ASN A 27 -1.07 10.24 -1.21
C ASN A 27 -0.89 8.80 -0.72
N PHE A 28 -0.38 7.94 -1.59
CA PHE A 28 -0.17 6.53 -1.25
C PHE A 28 1.01 6.39 -0.30
N ILE A 29 1.98 7.28 -0.42
CA ILE A 29 3.16 7.26 0.44
C ILE A 29 2.83 7.71 1.85
N GLN A 30 2.17 8.86 1.96
CA GLN A 30 1.79 9.41 3.26
C GLN A 30 0.80 8.49 3.97
N HIS A 31 0.38 7.43 3.28
CA HIS A 31 -0.57 6.48 3.83
C HIS A 31 0.15 5.27 4.41
N ARG A 32 1.23 4.85 3.74
CA ARG A 32 2.01 3.71 4.19
C ARG A 32 2.74 4.01 5.49
N ARG A 33 2.71 5.28 5.89
CA ARG A 33 3.37 5.71 7.12
C ARG A 33 2.54 5.35 8.34
N ILE A 34 1.24 5.61 8.27
CA ILE A 34 0.33 5.31 9.37
C ILE A 34 0.70 3.98 10.03
N HIS A 35 1.08 3.01 9.22
CA HIS A 35 1.45 1.69 9.72
C HIS A 35 2.85 1.72 10.34
N THR A 36 3.72 2.53 9.76
CA THR A 36 5.09 2.65 10.25
C THR A 36 5.11 3.17 11.69
N GLY A 37 4.34 4.22 11.94
CA GLY A 37 4.28 4.79 13.28
C GLY A 37 4.46 3.75 14.36
N GLU A 38 5.52 3.89 15.15
CA GLU A 38 5.80 2.96 16.23
C GLU A 38 4.51 2.43 16.85
N LYS A 39 4.52 1.17 17.26
CA LYS A 39 3.34 0.56 17.87
C LYS A 39 3.74 -0.31 19.06
N PRO A 40 2.99 -0.18 20.16
CA PRO A 40 3.25 -0.94 21.39
C PRO A 40 2.92 -2.41 21.23
N SER A 41 2.25 -2.76 20.13
CA SER A 41 1.87 -4.14 19.87
C SER A 41 1.48 -4.86 21.16
N GLY A 42 0.53 -4.28 21.88
CA GLY A 42 0.09 -4.89 23.13
C GLY A 42 0.73 -4.24 24.35
N PRO A 43 0.46 -2.94 24.55
CA PRO A 43 1.00 -2.19 25.68
C PRO A 43 0.40 -2.63 27.01
N SER A 44 -0.53 -3.57 26.96
CA SER A 44 -1.18 -4.08 28.16
C SER A 44 -1.05 -5.59 28.25
N SER A 45 -1.13 -6.11 29.48
CA SER A 45 -1.02 -7.55 29.71
C SER A 45 -2.13 -8.04 30.63
N GLY A 46 -2.84 -9.07 30.20
CA GLY A 46 -3.91 -9.62 31.00
C GLY A 46 -3.41 -10.30 32.27
ZN ZN B . -2.42 0.94 4.43
N GLY A 1 -10.32 -24.60 -16.73
CA GLY A 1 -9.75 -23.96 -17.89
C GLY A 1 -8.65 -22.97 -17.53
N SER A 2 -8.28 -22.12 -18.47
CA SER A 2 -7.24 -21.13 -18.25
C SER A 2 -7.65 -19.76 -18.77
N SER A 3 -7.72 -18.78 -17.88
CA SER A 3 -8.11 -17.43 -18.26
C SER A 3 -7.54 -16.40 -17.29
N GLY A 4 -7.44 -15.15 -17.74
CA GLY A 4 -6.90 -14.10 -16.90
C GLY A 4 -7.95 -13.08 -16.52
N SER A 5 -7.84 -12.55 -15.30
CA SER A 5 -8.79 -11.56 -14.81
C SER A 5 -8.07 -10.26 -14.42
N SER A 6 -6.99 -10.40 -13.67
CA SER A 6 -6.22 -9.24 -13.22
C SER A 6 -4.84 -9.23 -13.88
N GLY A 7 -4.79 -8.73 -15.11
CA GLY A 7 -3.53 -8.66 -15.84
C GLY A 7 -2.62 -7.58 -15.30
N HIS A 8 -1.33 -7.66 -15.65
CA HIS A 8 -0.36 -6.68 -15.20
C HIS A 8 -0.63 -5.32 -15.81
N GLY A 9 -1.18 -4.41 -15.01
CA GLY A 9 -1.49 -3.09 -15.50
C GLY A 9 -2.37 -2.30 -14.54
N GLU A 10 -1.75 -1.45 -13.74
CA GLU A 10 -2.49 -0.64 -12.77
C GLU A 10 -2.10 0.83 -12.87
N ARG A 11 -3.02 1.71 -12.51
CA ARG A 11 -2.77 3.14 -12.56
C ARG A 11 -2.93 3.78 -11.18
N GLY A 12 -1.87 3.73 -10.38
CA GLY A 12 -1.91 4.30 -9.05
C GLY A 12 -0.90 3.67 -8.12
N HIS A 13 -1.31 3.44 -6.87
CA HIS A 13 -0.43 2.84 -5.88
C HIS A 13 -1.23 2.13 -4.80
N ARG A 14 -1.18 0.80 -4.81
CA ARG A 14 -1.90 -0.01 -3.83
C ARG A 14 -1.02 -0.31 -2.63
N CYS A 15 -1.64 -0.34 -1.45
CA CYS A 15 -0.92 -0.62 -0.21
C CYS A 15 -0.87 -2.12 0.07
N SER A 16 0.11 -2.54 0.86
CA SER A 16 0.27 -3.95 1.19
C SER A 16 -0.14 -4.21 2.64
N ASP A 17 0.10 -3.23 3.50
CA ASP A 17 -0.25 -3.35 4.91
C ASP A 17 -1.74 -3.64 5.08
N CYS A 18 -2.57 -2.80 4.46
CA CYS A 18 -4.01 -2.95 4.55
C CYS A 18 -4.58 -3.50 3.23
N GLY A 19 -4.11 -2.94 2.12
CA GLY A 19 -4.59 -3.37 0.82
C GLY A 19 -5.50 -2.36 0.16
N LYS A 20 -5.15 -1.08 0.30
CA LYS A 20 -5.96 -0.01 -0.29
C LYS A 20 -5.41 0.40 -1.64
N PHE A 21 -6.00 1.45 -2.22
CA PHE A 21 -5.56 1.94 -3.52
C PHE A 21 -5.51 3.47 -3.53
N PHE A 22 -4.63 4.02 -4.36
CA PHE A 22 -4.48 5.47 -4.46
C PHE A 22 -4.13 5.88 -5.89
N LEU A 23 -4.03 7.19 -6.11
CA LEU A 23 -3.71 7.71 -7.43
C LEU A 23 -2.51 8.66 -7.36
N GLN A 24 -2.45 9.45 -6.30
CA GLN A 24 -1.36 10.40 -6.11
C GLN A 24 -0.28 9.81 -5.19
N ALA A 25 0.89 9.55 -5.74
CA ALA A 25 2.01 9.02 -4.97
C ALA A 25 2.01 9.58 -3.55
N SER A 26 2.21 10.89 -3.44
CA SER A 26 2.25 11.55 -2.15
C SER A 26 1.17 11.00 -1.22
N ASN A 27 -0.07 11.04 -1.68
CA ASN A 27 -1.19 10.54 -0.90
C ASN A 27 -0.96 9.08 -0.49
N PHE A 28 -0.32 8.32 -1.37
CA PHE A 28 -0.04 6.92 -1.10
C PHE A 28 1.08 6.76 -0.09
N ILE A 29 2.01 7.72 -0.10
CA ILE A 29 3.15 7.69 0.82
C ILE A 29 2.71 8.03 2.24
N GLN A 30 1.97 9.13 2.38
CA GLN A 30 1.48 9.56 3.68
C GLN A 30 0.50 8.56 4.26
N HIS A 31 0.18 7.52 3.48
CA HIS A 31 -0.74 6.49 3.91
C HIS A 31 0.00 5.27 4.45
N ARG A 32 1.13 4.96 3.82
CA ARG A 32 1.94 3.82 4.24
C ARG A 32 2.58 4.06 5.60
N ARG A 33 2.43 5.29 6.10
CA ARG A 33 3.00 5.66 7.39
C ARG A 33 2.10 5.18 8.53
N ILE A 34 0.80 5.39 8.38
CA ILE A 34 -0.17 4.98 9.40
C ILE A 34 0.21 3.63 9.99
N HIS A 35 0.70 2.73 9.14
CA HIS A 35 1.10 1.40 9.57
C HIS A 35 2.42 1.45 10.34
N THR A 36 3.30 2.35 9.93
CA THR A 36 4.60 2.50 10.58
C THR A 36 4.44 2.94 12.03
N GLY A 37 3.64 3.97 12.25
CA GLY A 37 3.42 4.46 13.60
C GLY A 37 2.67 3.47 14.47
N GLU A 38 1.36 3.37 14.25
CA GLU A 38 0.53 2.45 15.02
C GLU A 38 -0.16 1.43 14.11
N LYS A 39 -0.47 0.27 14.67
CA LYS A 39 -1.13 -0.78 13.90
C LYS A 39 -2.48 -1.14 14.51
N PRO A 40 -3.47 -1.41 13.64
CA PRO A 40 -4.83 -1.77 14.07
C PRO A 40 -4.89 -3.14 14.73
N SER A 41 -6.04 -3.47 15.30
CA SER A 41 -6.22 -4.76 15.97
C SER A 41 -7.06 -5.70 15.11
N GLY A 42 -6.48 -6.84 14.75
CA GLY A 42 -7.18 -7.81 13.93
C GLY A 42 -6.36 -8.29 12.76
N PRO A 43 -6.15 -7.41 11.77
CA PRO A 43 -5.37 -7.72 10.58
C PRO A 43 -3.89 -7.88 10.87
N SER A 44 -3.37 -9.10 10.66
CA SER A 44 -1.97 -9.39 10.92
C SER A 44 -1.45 -8.59 12.11
N SER A 45 -2.17 -8.68 13.22
CA SER A 45 -1.79 -7.96 14.44
C SER A 45 -1.30 -8.93 15.51
N GLY A 46 -0.51 -8.42 16.45
CA GLY A 46 0.01 -9.26 17.52
C GLY A 46 1.43 -9.71 17.26
ZN ZN B . -2.32 0.85 4.03
N GLY A 1 -8.15 -8.63 -7.77
CA GLY A 1 -8.01 -8.46 -9.21
C GLY A 1 -9.30 -8.73 -9.96
N SER A 2 -9.87 -7.69 -10.56
CA SER A 2 -11.11 -7.83 -11.31
C SER A 2 -11.32 -6.63 -12.23
N SER A 3 -12.19 -6.80 -13.22
CA SER A 3 -12.48 -5.74 -14.17
C SER A 3 -12.73 -4.41 -13.46
N GLY A 4 -11.83 -3.46 -13.67
CA GLY A 4 -11.95 -2.16 -13.04
C GLY A 4 -11.32 -1.04 -13.85
N SER A 5 -10.18 -1.35 -14.47
CA SER A 5 -9.47 -0.37 -15.28
C SER A 5 -9.48 -0.76 -16.76
N SER A 6 -9.75 0.21 -17.62
CA SER A 6 -9.79 -0.04 -19.05
C SER A 6 -8.61 -0.89 -19.51
N GLY A 7 -7.41 -0.52 -19.06
CA GLY A 7 -6.23 -1.27 -19.42
C GLY A 7 -5.37 -1.62 -18.21
N HIS A 8 -4.09 -1.24 -18.27
CA HIS A 8 -3.18 -1.53 -17.17
C HIS A 8 -1.87 -0.76 -17.35
N GLY A 9 -1.21 -0.44 -16.23
CA GLY A 9 0.03 0.29 -16.29
C GLY A 9 0.15 1.32 -15.18
N GLU A 10 0.98 1.03 -14.19
CA GLU A 10 1.18 1.94 -13.07
C GLU A 10 -0.13 2.60 -12.67
N ARG A 11 -1.17 1.79 -12.52
CA ARG A 11 -2.49 2.30 -12.14
C ARG A 11 -2.56 2.54 -10.64
N GLY A 12 -2.69 3.81 -10.26
CA GLY A 12 -2.77 4.16 -8.84
C GLY A 12 -1.77 3.40 -8.00
N HIS A 13 -1.93 3.46 -6.69
CA HIS A 13 -1.03 2.77 -5.77
C HIS A 13 -1.82 2.09 -4.66
N ARG A 14 -1.85 0.75 -4.70
CA ARG A 14 -2.57 -0.03 -3.70
C ARG A 14 -1.63 -0.44 -2.56
N CYS A 15 -2.14 -0.36 -1.34
CA CYS A 15 -1.35 -0.73 -0.16
C CYS A 15 -1.31 -2.24 0.01
N SER A 16 -0.28 -2.71 0.73
CA SER A 16 -0.12 -4.14 0.96
C SER A 16 -0.43 -4.49 2.41
N ASP A 17 -0.09 -3.58 3.32
CA ASP A 17 -0.33 -3.78 4.75
C ASP A 17 -1.83 -3.93 5.02
N CYS A 18 -2.62 -3.02 4.47
CA CYS A 18 -4.07 -3.05 4.66
C CYS A 18 -4.77 -3.50 3.38
N GLY A 19 -4.33 -2.97 2.25
CA GLY A 19 -4.94 -3.32 0.98
C GLY A 19 -5.77 -2.20 0.41
N LYS A 20 -5.47 -0.96 0.80
CA LYS A 20 -6.20 0.20 0.32
C LYS A 20 -5.81 0.54 -1.12
N PHE A 21 -6.34 1.64 -1.63
CA PHE A 21 -6.05 2.08 -2.99
C PHE A 21 -5.89 3.59 -3.04
N PHE A 22 -5.10 4.07 -4.00
CA PHE A 22 -4.87 5.50 -4.17
C PHE A 22 -4.64 5.84 -5.64
N LEU A 23 -4.49 7.13 -5.92
CA LEU A 23 -4.27 7.59 -7.28
C LEU A 23 -3.00 8.45 -7.37
N GLN A 24 -2.76 9.24 -6.32
CA GLN A 24 -1.58 10.10 -6.28
C GLN A 24 -0.49 9.47 -5.42
N ALA A 25 0.65 9.16 -6.05
CA ALA A 25 1.77 8.56 -5.34
C ALA A 25 1.93 9.17 -3.95
N SER A 26 2.16 10.47 -3.89
CA SER A 26 2.34 11.16 -2.63
C SER A 26 1.30 10.70 -1.61
N ASN A 27 0.03 10.85 -1.95
CA ASN A 27 -1.06 10.45 -1.07
C ASN A 27 -0.89 9.00 -0.62
N PHE A 28 -0.36 8.17 -1.52
CA PHE A 28 -0.15 6.76 -1.22
C PHE A 28 1.02 6.58 -0.26
N ILE A 29 2.00 7.47 -0.35
CA ILE A 29 3.17 7.41 0.51
C ILE A 29 2.84 7.86 1.93
N GLN A 30 2.14 8.98 2.04
CA GLN A 30 1.76 9.52 3.35
C GLN A 30 0.78 8.58 4.04
N HIS A 31 0.39 7.51 3.35
CA HIS A 31 -0.54 6.54 3.91
C HIS A 31 0.21 5.34 4.49
N ARG A 32 1.27 4.92 3.80
CA ARG A 32 2.07 3.78 4.24
C ARG A 32 2.79 4.10 5.54
N ARG A 33 2.73 5.36 5.97
CA ARG A 33 3.38 5.79 7.19
C ARG A 33 2.54 5.40 8.41
N ILE A 34 1.25 5.66 8.35
CA ILE A 34 0.34 5.33 9.44
C ILE A 34 0.65 3.96 10.02
N HIS A 35 1.09 3.04 9.16
CA HIS A 35 1.43 1.68 9.58
C HIS A 35 2.70 1.69 10.42
N THR A 36 3.65 2.54 10.06
CA THR A 36 4.92 2.63 10.78
C THR A 36 4.70 2.53 12.28
N GLY A 37 5.11 1.41 12.86
CA GLY A 37 4.95 1.20 14.29
C GLY A 37 6.00 0.27 14.85
N GLU A 38 6.29 0.42 16.15
CA GLU A 38 7.28 -0.43 16.81
C GLU A 38 8.49 -0.67 15.90
N LYS A 39 8.98 0.40 15.29
CA LYS A 39 10.13 0.29 14.40
C LYS A 39 11.18 1.35 14.73
N PRO A 40 12.45 1.03 14.45
CA PRO A 40 13.57 1.94 14.72
C PRO A 40 13.57 3.15 13.80
N SER A 41 13.77 4.33 14.39
CA SER A 41 13.78 5.57 13.61
C SER A 41 15.14 5.79 12.96
N GLY A 42 15.69 4.73 12.36
CA GLY A 42 16.98 4.84 11.72
C GLY A 42 16.97 4.30 10.31
N PRO A 43 16.94 2.96 10.18
CA PRO A 43 16.92 2.29 8.87
C PRO A 43 15.60 2.49 8.14
N SER A 44 15.68 2.80 6.84
CA SER A 44 14.50 3.02 6.03
C SER A 44 14.61 2.27 4.70
N SER A 45 15.09 1.04 4.76
CA SER A 45 15.26 0.23 3.56
C SER A 45 14.05 0.36 2.64
N GLY A 46 12.86 0.19 3.22
CA GLY A 46 11.64 0.29 2.45
C GLY A 46 10.40 0.41 3.32
ZN ZN B . -2.25 0.82 4.22
N GLY A 1 -12.10 -11.46 3.56
CA GLY A 1 -12.51 -11.90 2.25
C GLY A 1 -11.52 -11.51 1.16
N SER A 2 -10.59 -12.41 0.87
CA SER A 2 -9.58 -12.16 -0.15
C SER A 2 -10.01 -12.73 -1.50
N SER A 3 -10.64 -11.89 -2.32
CA SER A 3 -11.10 -12.31 -3.64
C SER A 3 -10.29 -11.65 -4.74
N GLY A 4 -10.36 -12.22 -5.94
CA GLY A 4 -9.62 -11.67 -7.07
C GLY A 4 -8.14 -12.01 -7.01
N SER A 5 -7.57 -12.35 -8.16
CA SER A 5 -6.16 -12.70 -8.24
C SER A 5 -5.44 -11.85 -9.30
N SER A 6 -5.92 -11.94 -10.54
CA SER A 6 -5.33 -11.19 -11.63
C SER A 6 -5.45 -9.69 -11.40
N GLY A 7 -4.75 -8.91 -12.21
CA GLY A 7 -4.79 -7.47 -12.08
C GLY A 7 -4.85 -6.76 -13.42
N HIS A 8 -5.55 -5.64 -13.46
CA HIS A 8 -5.68 -4.86 -14.70
C HIS A 8 -4.48 -3.94 -14.89
N GLY A 9 -3.66 -4.24 -15.89
CA GLY A 9 -2.49 -3.42 -16.16
C GLY A 9 -1.84 -2.90 -14.89
N GLU A 10 -1.62 -1.59 -14.84
CA GLU A 10 -1.00 -0.96 -13.68
C GLU A 10 -1.35 0.52 -13.60
N ARG A 11 -1.85 0.94 -12.45
CA ARG A 11 -2.22 2.34 -12.25
C ARG A 11 -2.43 2.64 -10.76
N GLY A 12 -1.98 3.82 -10.34
CA GLY A 12 -2.12 4.22 -8.95
C GLY A 12 -1.16 3.48 -8.05
N HIS A 13 -1.39 3.55 -6.74
CA HIS A 13 -0.54 2.89 -5.77
C HIS A 13 -1.37 2.17 -4.72
N ARG A 14 -1.35 0.85 -4.75
CA ARG A 14 -2.11 0.04 -3.80
C ARG A 14 -1.23 -0.36 -2.60
N CYS A 15 -1.82 -0.31 -1.41
CA CYS A 15 -1.09 -0.66 -0.19
C CYS A 15 -1.12 -2.17 0.04
N SER A 16 -0.10 -2.67 0.72
CA SER A 16 -0.01 -4.10 1.02
C SER A 16 -0.34 -4.38 2.47
N ASP A 17 -0.07 -3.41 3.33
CA ASP A 17 -0.34 -3.56 4.77
C ASP A 17 -1.84 -3.76 5.01
N CYS A 18 -2.65 -2.92 4.36
CA CYS A 18 -4.10 -3.01 4.52
C CYS A 18 -4.75 -3.50 3.23
N GLY A 19 -4.33 -2.94 2.11
CA GLY A 19 -4.88 -3.33 0.82
C GLY A 19 -5.77 -2.26 0.22
N LYS A 20 -5.34 -1.01 0.32
CA LYS A 20 -6.11 0.12 -0.21
C LYS A 20 -5.57 0.54 -1.58
N PHE A 21 -6.14 1.61 -2.13
CA PHE A 21 -5.72 2.11 -3.43
C PHE A 21 -5.64 3.64 -3.41
N PHE A 22 -4.77 4.19 -4.26
CA PHE A 22 -4.60 5.63 -4.33
C PHE A 22 -4.29 6.06 -5.77
N LEU A 23 -4.23 7.36 -5.99
CA LEU A 23 -3.94 7.90 -7.32
C LEU A 23 -2.75 8.86 -7.27
N GLN A 24 -2.64 9.61 -6.17
CA GLN A 24 -1.55 10.56 -6.01
C GLN A 24 -0.46 9.98 -5.12
N ALA A 25 0.70 9.73 -5.71
CA ALA A 25 1.83 9.17 -4.98
C ALA A 25 1.89 9.72 -3.56
N SER A 26 2.07 11.03 -3.44
CA SER A 26 2.14 11.67 -2.13
C SER A 26 1.10 11.08 -1.18
N ASN A 27 -0.16 11.14 -1.58
CA ASN A 27 -1.24 10.62 -0.76
C ASN A 27 -1.00 9.16 -0.39
N PHE A 28 -0.38 8.42 -1.31
CA PHE A 28 -0.09 7.01 -1.07
C PHE A 28 1.06 6.86 -0.08
N ILE A 29 1.96 7.83 -0.07
CA ILE A 29 3.10 7.80 0.84
C ILE A 29 2.67 8.13 2.27
N GLN A 30 1.93 9.21 2.43
CA GLN A 30 1.46 9.63 3.74
C GLN A 30 0.50 8.59 4.33
N HIS A 31 0.19 7.57 3.55
CA HIS A 31 -0.71 6.51 3.99
C HIS A 31 0.08 5.31 4.51
N ARG A 32 1.23 5.05 3.89
CA ARG A 32 2.07 3.94 4.29
C ARG A 32 2.74 4.21 5.64
N ARG A 33 2.63 5.44 6.11
CA ARG A 33 3.22 5.83 7.39
C ARG A 33 2.41 5.29 8.55
N ILE A 34 1.09 5.34 8.43
CA ILE A 34 0.20 4.85 9.48
C ILE A 34 0.65 3.49 9.98
N HIS A 35 1.04 2.62 9.07
CA HIS A 35 1.50 1.28 9.43
C HIS A 35 2.90 1.32 10.02
N THR A 36 3.62 2.41 9.74
CA THR A 36 4.97 2.57 10.24
C THR A 36 5.16 3.95 10.89
N GLY A 37 4.93 4.02 12.20
CA GLY A 37 5.07 5.28 12.91
C GLY A 37 6.51 5.58 13.25
N GLU A 38 7.24 4.58 13.72
CA GLU A 38 8.64 4.75 14.09
C GLU A 38 9.56 4.52 12.89
N LYS A 39 10.73 5.13 12.91
CA LYS A 39 11.69 4.99 11.83
C LYS A 39 13.12 5.16 12.34
N PRO A 40 14.06 4.38 11.76
CA PRO A 40 15.46 4.43 12.15
C PRO A 40 16.14 5.73 11.72
N SER A 41 17.09 6.19 12.53
CA SER A 41 17.81 7.43 12.23
C SER A 41 18.19 7.50 10.75
N GLY A 42 19.02 6.55 10.31
CA GLY A 42 19.43 6.53 8.92
C GLY A 42 20.11 5.23 8.55
N PRO A 43 19.31 4.19 8.25
CA PRO A 43 19.81 2.87 7.87
C PRO A 43 20.47 2.89 6.50
N SER A 44 20.04 3.80 5.64
CA SER A 44 20.58 3.91 4.29
C SER A 44 20.77 5.38 3.89
N SER A 45 21.70 5.62 2.98
CA SER A 45 21.98 6.98 2.52
C SER A 45 20.68 7.76 2.30
N GLY A 46 19.83 7.24 1.41
CA GLY A 46 18.58 7.90 1.13
C GLY A 46 18.76 9.29 0.55
ZN ZN B . -2.31 0.83 4.10
N GLY A 1 -0.19 -19.85 -10.94
CA GLY A 1 -1.57 -19.43 -10.99
C GLY A 1 -1.94 -18.81 -12.33
N SER A 2 -3.20 -18.94 -12.71
CA SER A 2 -3.68 -18.38 -13.97
C SER A 2 -4.70 -17.27 -13.72
N SER A 3 -4.48 -16.50 -12.66
CA SER A 3 -5.38 -15.40 -12.31
C SER A 3 -5.64 -14.51 -13.52
N GLY A 4 -4.76 -14.60 -14.51
CA GLY A 4 -4.90 -13.79 -15.71
C GLY A 4 -4.61 -12.33 -15.47
N SER A 5 -3.40 -11.90 -15.81
CA SER A 5 -2.99 -10.52 -15.62
C SER A 5 -2.50 -9.91 -16.93
N SER A 6 -3.33 -9.05 -17.52
CA SER A 6 -2.99 -8.40 -18.78
C SER A 6 -4.01 -7.32 -19.13
N GLY A 7 -3.52 -6.20 -19.66
CA GLY A 7 -4.40 -5.11 -20.02
C GLY A 7 -3.79 -3.75 -19.74
N HIS A 8 -4.57 -2.88 -19.09
CA HIS A 8 -4.10 -1.54 -18.75
C HIS A 8 -4.19 -1.30 -17.24
N GLY A 9 -3.16 -1.72 -16.52
CA GLY A 9 -3.13 -1.54 -15.08
C GLY A 9 -2.16 -0.48 -14.64
N GLU A 10 -1.58 -0.66 -13.45
CA GLU A 10 -0.61 0.30 -12.92
C GLU A 10 -1.16 1.73 -13.00
N ARG A 11 -2.43 1.89 -12.64
CA ARG A 11 -3.07 3.20 -12.68
C ARG A 11 -3.21 3.78 -11.27
N GLY A 12 -2.16 3.60 -10.46
CA GLY A 12 -2.20 4.11 -9.10
C GLY A 12 -1.22 3.38 -8.19
N HIS A 13 -1.49 3.40 -6.89
CA HIS A 13 -0.63 2.75 -5.91
C HIS A 13 -1.46 2.07 -4.83
N ARG A 14 -1.41 0.74 -4.79
CA ARG A 14 -2.16 -0.02 -3.81
C ARG A 14 -1.27 -0.42 -2.64
N CYS A 15 -1.83 -0.38 -1.43
CA CYS A 15 -1.07 -0.73 -0.22
C CYS A 15 -1.00 -2.25 -0.06
N SER A 16 -0.07 -2.70 0.77
CA SER A 16 0.11 -4.12 1.01
C SER A 16 -0.23 -4.47 2.46
N ASP A 17 0.03 -3.54 3.37
CA ASP A 17 -0.26 -3.75 4.79
C ASP A 17 -1.75 -3.90 5.02
N CYS A 18 -2.54 -2.99 4.45
CA CYS A 18 -3.99 -3.03 4.59
C CYS A 18 -4.65 -3.53 3.32
N GLY A 19 -4.25 -2.96 2.19
CA GLY A 19 -4.82 -3.37 0.91
C GLY A 19 -5.68 -2.29 0.30
N LYS A 20 -5.31 -1.04 0.53
CA LYS A 20 -6.06 0.09 -0.01
C LYS A 20 -5.56 0.46 -1.42
N PHE A 21 -6.11 1.53 -1.97
CA PHE A 21 -5.72 1.99 -3.30
C PHE A 21 -5.59 3.51 -3.33
N PHE A 22 -4.74 4.00 -4.22
CA PHE A 22 -4.51 5.44 -4.36
C PHE A 22 -4.18 5.80 -5.80
N LEU A 23 -4.12 7.10 -6.08
CA LEU A 23 -3.81 7.58 -7.42
C LEU A 23 -2.56 8.46 -7.41
N GLN A 24 -2.45 9.29 -6.38
CA GLN A 24 -1.30 10.19 -6.25
C GLN A 24 -0.26 9.61 -5.31
N ALA A 25 0.95 9.36 -5.82
CA ALA A 25 2.03 8.82 -5.02
C ALA A 25 2.03 9.40 -3.62
N SER A 26 2.17 10.72 -3.53
CA SER A 26 2.19 11.41 -2.26
C SER A 26 1.11 10.86 -1.32
N ASN A 27 -0.13 10.91 -1.77
CA ASN A 27 -1.26 10.42 -0.98
C ASN A 27 -1.01 8.97 -0.53
N PHE A 28 -0.33 8.22 -1.38
CA PHE A 28 -0.04 6.81 -1.07
C PHE A 28 1.10 6.72 -0.06
N ILE A 29 2.05 7.65 -0.14
CA ILE A 29 3.19 7.66 0.77
C ILE A 29 2.77 8.07 2.18
N GLN A 30 2.03 9.17 2.27
CA GLN A 30 1.55 9.67 3.55
C GLN A 30 0.58 8.69 4.20
N HIS A 31 0.27 7.61 3.47
CA HIS A 31 -0.66 6.60 3.97
C HIS A 31 0.09 5.42 4.54
N ARG A 32 1.18 5.04 3.88
CA ARG A 32 1.99 3.91 4.32
C ARG A 32 2.65 4.20 5.67
N ARG A 33 2.53 5.45 6.12
CA ARG A 33 3.11 5.86 7.39
C ARG A 33 2.27 5.38 8.56
N ILE A 34 0.95 5.60 8.45
CA ILE A 34 0.02 5.18 9.50
C ILE A 34 0.39 3.81 10.04
N HIS A 35 0.90 2.95 9.17
CA HIS A 35 1.29 1.60 9.56
C HIS A 35 2.53 1.62 10.45
N THR A 36 3.45 2.53 10.15
CA THR A 36 4.69 2.66 10.92
C THR A 36 4.41 2.52 12.42
N GLY A 37 4.87 1.42 13.01
CA GLY A 37 4.67 1.20 14.42
C GLY A 37 5.53 2.10 15.28
N GLU A 38 6.85 1.93 15.19
CA GLU A 38 7.77 2.74 15.98
C GLU A 38 8.83 3.37 15.08
N LYS A 39 8.78 4.70 14.96
CA LYS A 39 9.73 5.43 14.13
C LYS A 39 10.81 6.08 14.98
N PRO A 40 12.04 6.09 14.48
CA PRO A 40 13.19 6.67 15.18
C PRO A 40 13.10 8.20 15.25
N SER A 41 13.89 8.78 16.15
CA SER A 41 13.89 10.24 16.32
C SER A 41 14.98 10.88 15.46
N GLY A 42 14.61 11.24 14.23
CA GLY A 42 15.55 11.86 13.33
C GLY A 42 16.91 11.20 13.36
N PRO A 43 16.97 9.95 12.88
CA PRO A 43 18.22 9.17 12.84
C PRO A 43 19.21 9.71 11.83
N SER A 44 18.72 10.54 10.91
CA SER A 44 19.58 11.13 9.88
C SER A 44 19.10 12.52 9.51
N SER A 45 19.90 13.53 9.86
CA SER A 45 19.55 14.93 9.57
C SER A 45 18.85 15.04 8.22
N GLY A 46 18.01 16.05 8.09
CA GLY A 46 17.29 16.26 6.85
C GLY A 46 15.78 16.32 7.06
ZN ZN B . -2.18 0.85 4.08
N GLY A 1 -0.62 -19.58 -9.86
CA GLY A 1 -0.09 -18.47 -10.63
C GLY A 1 1.00 -17.71 -9.88
N SER A 2 2.24 -17.89 -10.31
CA SER A 2 3.37 -17.23 -9.67
C SER A 2 3.51 -15.79 -10.16
N SER A 3 2.85 -14.86 -9.47
CA SER A 3 2.90 -13.46 -9.85
C SER A 3 2.85 -12.56 -8.61
N GLY A 4 3.62 -11.49 -8.64
CA GLY A 4 3.65 -10.57 -7.52
C GLY A 4 3.83 -9.13 -7.95
N SER A 5 4.86 -8.87 -8.74
CA SER A 5 5.14 -7.52 -9.22
C SER A 5 4.18 -7.15 -10.36
N SER A 6 4.05 -5.85 -10.61
CA SER A 6 3.18 -5.34 -11.66
C SER A 6 3.96 -5.11 -12.95
N GLY A 7 5.09 -4.42 -12.82
CA GLY A 7 5.91 -4.14 -13.99
C GLY A 7 5.88 -2.68 -14.38
N HIS A 8 5.82 -2.41 -15.68
CA HIS A 8 5.78 -1.04 -16.18
C HIS A 8 4.38 -0.66 -16.63
N GLY A 9 3.74 0.23 -15.88
CA GLY A 9 2.39 0.65 -16.22
C GLY A 9 1.97 1.90 -15.47
N GLU A 10 0.90 2.54 -15.94
CA GLU A 10 0.41 3.76 -15.30
C GLU A 10 -0.84 3.46 -14.46
N ARG A 11 -0.63 2.89 -13.29
CA ARG A 11 -1.74 2.55 -12.39
C ARG A 11 -1.58 3.27 -11.05
N GLY A 12 -2.54 3.04 -10.16
CA GLY A 12 -2.50 3.67 -8.85
C GLY A 12 -1.48 3.02 -7.93
N HIS A 13 -1.82 2.94 -6.65
CA HIS A 13 -0.93 2.33 -5.65
C HIS A 13 -1.72 1.71 -4.52
N ARG A 14 -1.76 0.38 -4.49
CA ARG A 14 -2.49 -0.34 -3.46
C ARG A 14 -1.58 -0.68 -2.27
N CYS A 15 -2.12 -0.56 -1.07
CA CYS A 15 -1.35 -0.84 0.13
C CYS A 15 -1.37 -2.34 0.45
N SER A 16 -0.38 -2.79 1.22
CA SER A 16 -0.29 -4.20 1.60
C SER A 16 -0.62 -4.39 3.07
N ASP A 17 -0.28 -3.40 3.89
CA ASP A 17 -0.55 -3.45 5.32
C ASP A 17 -2.04 -3.59 5.60
N CYS A 18 -2.84 -2.77 4.90
CA CYS A 18 -4.29 -2.80 5.08
C CYS A 18 -4.97 -3.31 3.81
N GLY A 19 -4.54 -2.81 2.66
CA GLY A 19 -5.12 -3.22 1.40
C GLY A 19 -5.91 -2.12 0.73
N LYS A 20 -5.59 -0.87 1.07
CA LYS A 20 -6.27 0.28 0.50
C LYS A 20 -5.79 0.54 -0.93
N PHE A 21 -6.34 1.59 -1.54
CA PHE A 21 -5.97 1.95 -2.91
C PHE A 21 -5.83 3.46 -3.05
N PHE A 22 -4.98 3.88 -3.98
CA PHE A 22 -4.77 5.31 -4.22
C PHE A 22 -4.45 5.57 -5.69
N LEU A 23 -4.38 6.84 -6.06
CA LEU A 23 -4.09 7.23 -7.43
C LEU A 23 -2.86 8.12 -7.50
N GLN A 24 -2.68 8.95 -6.47
CA GLN A 24 -1.55 9.86 -6.41
C GLN A 24 -0.47 9.32 -5.48
N ALA A 25 0.69 9.00 -6.05
CA ALA A 25 1.80 8.47 -5.26
C ALA A 25 1.86 9.12 -3.89
N SER A 26 2.07 10.44 -3.88
CA SER A 26 2.15 11.18 -2.62
C SER A 26 1.12 10.68 -1.62
N ASN A 27 -0.15 10.77 -2.00
CA ASN A 27 -1.24 10.33 -1.13
C ASN A 27 -1.02 8.88 -0.67
N PHE A 28 -0.41 8.09 -1.54
CA PHE A 28 -0.15 6.68 -1.25
C PHE A 28 1.02 6.56 -0.28
N ILE A 29 1.96 7.51 -0.34
CA ILE A 29 3.12 7.49 0.53
C ILE A 29 2.75 7.91 1.94
N GLN A 30 2.04 9.03 2.06
CA GLN A 30 1.62 9.54 3.36
C GLN A 30 0.66 8.57 4.04
N HIS A 31 0.30 7.50 3.34
CA HIS A 31 -0.62 6.51 3.87
C HIS A 31 0.15 5.31 4.43
N ARG A 32 1.27 4.97 3.79
CA ARG A 32 2.09 3.85 4.22
C ARG A 32 2.81 4.17 5.52
N ARG A 33 2.74 5.43 5.93
CA ARG A 33 3.39 5.87 7.17
C ARG A 33 2.61 5.41 8.38
N ILE A 34 1.28 5.51 8.31
CA ILE A 34 0.42 5.11 9.41
C ILE A 34 0.84 3.75 9.96
N HIS A 35 1.22 2.85 9.07
CA HIS A 35 1.65 1.51 9.47
C HIS A 35 3.06 1.54 10.04
N THR A 36 3.83 2.56 9.66
CA THR A 36 5.20 2.71 10.13
C THR A 36 5.44 4.09 10.72
N GLY A 37 5.50 4.16 12.05
CA GLY A 37 5.73 5.43 12.70
C GLY A 37 5.01 5.53 14.04
N GLU A 38 3.84 6.17 14.04
CA GLU A 38 3.07 6.32 15.26
C GLU A 38 2.54 4.97 15.75
N LYS A 39 3.25 4.38 16.69
CA LYS A 39 2.86 3.08 17.25
C LYS A 39 1.95 3.26 18.46
N PRO A 40 1.01 2.32 18.64
CA PRO A 40 0.06 2.36 19.75
C PRO A 40 0.74 2.08 21.09
N SER A 41 -0.06 2.07 22.16
CA SER A 41 0.47 1.81 23.50
C SER A 41 1.52 0.71 23.46
N GLY A 42 1.10 -0.51 23.19
CA GLY A 42 2.02 -1.63 23.14
C GLY A 42 1.64 -2.64 22.08
N PRO A 43 2.04 -2.36 20.83
CA PRO A 43 1.76 -3.25 19.69
C PRO A 43 2.54 -4.56 19.75
N SER A 44 1.84 -5.67 19.63
CA SER A 44 2.47 -6.98 19.68
C SER A 44 2.91 -7.43 18.29
N SER A 45 4.16 -7.13 17.94
CA SER A 45 4.69 -7.50 16.64
C SER A 45 5.80 -8.55 16.79
N GLY A 46 5.75 -9.57 15.93
CA GLY A 46 6.74 -10.63 15.98
C GLY A 46 6.64 -11.57 14.80
ZN ZN B . -2.39 0.91 4.40
N GLY A 1 -4.64 -15.35 -14.97
CA GLY A 1 -4.89 -14.21 -15.82
C GLY A 1 -4.85 -14.55 -17.29
N SER A 2 -5.93 -14.22 -18.01
CA SER A 2 -6.01 -14.51 -19.43
C SER A 2 -6.88 -13.47 -20.14
N SER A 3 -6.37 -12.94 -21.25
CA SER A 3 -7.09 -11.93 -22.01
C SER A 3 -7.51 -10.76 -21.12
N GLY A 4 -6.59 -10.30 -20.29
CA GLY A 4 -6.88 -9.20 -19.39
C GLY A 4 -6.86 -7.85 -20.09
N SER A 5 -6.66 -6.79 -19.33
CA SER A 5 -6.62 -5.44 -19.88
C SER A 5 -5.18 -4.92 -19.94
N SER A 6 -4.52 -5.18 -21.06
CA SER A 6 -3.13 -4.74 -21.25
C SER A 6 -3.04 -3.23 -21.22
N GLY A 7 -3.89 -2.56 -21.98
CA GLY A 7 -3.89 -1.12 -22.03
C GLY A 7 -4.08 -0.49 -20.66
N HIS A 8 -5.22 -0.74 -20.05
CA HIS A 8 -5.52 -0.20 -18.72
C HIS A 8 -4.27 -0.16 -17.86
N GLY A 9 -3.63 -1.31 -17.68
CA GLY A 9 -2.42 -1.38 -16.88
C GLY A 9 -2.67 -0.98 -15.44
N GLU A 10 -1.80 -0.11 -14.91
CA GLU A 10 -1.93 0.35 -13.55
C GLU A 10 -1.45 1.81 -13.41
N ARG A 11 -2.34 2.66 -12.91
CA ARG A 11 -2.02 4.07 -12.73
C ARG A 11 -2.27 4.51 -11.30
N GLY A 12 -1.88 3.67 -10.34
CA GLY A 12 -2.08 3.99 -8.94
C GLY A 12 -1.11 3.25 -8.04
N HIS A 13 -1.42 3.23 -6.74
CA HIS A 13 -0.56 2.56 -5.77
C HIS A 13 -1.39 1.89 -4.69
N ARG A 14 -1.31 0.56 -4.61
CA ARG A 14 -2.06 -0.20 -3.62
C ARG A 14 -1.16 -0.59 -2.45
N CYS A 15 -1.72 -0.52 -1.24
CA CYS A 15 -0.97 -0.86 -0.04
C CYS A 15 -1.02 -2.36 0.22
N SER A 16 -0.05 -2.85 0.99
CA SER A 16 0.02 -4.27 1.31
C SER A 16 -0.36 -4.53 2.77
N ASP A 17 -0.06 -3.56 3.63
CA ASP A 17 -0.38 -3.67 5.04
C ASP A 17 -1.88 -3.86 5.26
N CYS A 18 -2.66 -2.95 4.70
CA CYS A 18 -4.12 -3.01 4.83
C CYS A 18 -4.75 -3.51 3.54
N GLY A 19 -4.30 -2.96 2.41
CA GLY A 19 -4.84 -3.36 1.12
C GLY A 19 -5.74 -2.30 0.52
N LYS A 20 -5.25 -1.06 0.48
CA LYS A 20 -6.01 0.05 -0.08
C LYS A 20 -5.50 0.43 -1.46
N PHE A 21 -6.09 1.46 -2.04
CA PHE A 21 -5.68 1.93 -3.36
C PHE A 21 -5.58 3.45 -3.40
N PHE A 22 -4.71 3.96 -4.27
CA PHE A 22 -4.51 5.39 -4.39
C PHE A 22 -4.19 5.78 -5.84
N LEU A 23 -4.12 7.07 -6.11
CA LEU A 23 -3.81 7.56 -7.45
C LEU A 23 -2.60 8.48 -7.43
N GLN A 24 -2.51 9.32 -6.39
CA GLN A 24 -1.40 10.25 -6.26
C GLN A 24 -0.32 9.68 -5.35
N ALA A 25 0.84 9.39 -5.93
CA ALA A 25 1.96 8.84 -5.17
C ALA A 25 1.99 9.40 -3.76
N SER A 26 2.12 10.72 -3.65
CA SER A 26 2.17 11.38 -2.35
C SER A 26 1.10 10.84 -1.42
N ASN A 27 -0.14 10.80 -1.90
CA ASN A 27 -1.25 10.31 -1.11
C ASN A 27 -1.00 8.87 -0.66
N PHE A 28 -0.29 8.12 -1.48
CA PHE A 28 0.02 6.72 -1.16
C PHE A 28 1.13 6.64 -0.12
N ILE A 29 2.06 7.58 -0.18
CA ILE A 29 3.17 7.61 0.77
C ILE A 29 2.70 8.00 2.16
N GLN A 30 1.91 9.07 2.24
CA GLN A 30 1.38 9.55 3.51
C GLN A 30 0.44 8.52 4.13
N HIS A 31 0.17 7.46 3.39
CA HIS A 31 -0.72 6.40 3.86
C HIS A 31 0.09 5.26 4.49
N ARG A 32 1.26 4.99 3.91
CA ARG A 32 2.11 3.92 4.41
C ARG A 32 2.71 4.29 5.76
N ARG A 33 2.56 5.56 6.14
CA ARG A 33 3.10 6.03 7.41
C ARG A 33 2.23 5.57 8.58
N ILE A 34 0.91 5.59 8.37
CA ILE A 34 -0.02 5.17 9.41
C ILE A 34 0.41 3.84 10.04
N HIS A 35 0.90 2.93 9.21
CA HIS A 35 1.35 1.62 9.69
C HIS A 35 2.66 1.76 10.45
N THR A 36 3.41 2.82 10.16
CA THR A 36 4.69 3.06 10.82
C THR A 36 4.48 3.58 12.23
N GLY A 37 4.84 2.76 13.23
CA GLY A 37 4.70 3.15 14.61
C GLY A 37 5.80 2.60 15.49
N GLU A 38 6.16 3.36 16.52
CA GLU A 38 7.22 2.94 17.44
C GLU A 38 6.70 1.87 18.41
N LYS A 39 7.43 0.76 18.50
CA LYS A 39 7.04 -0.33 19.38
C LYS A 39 6.92 0.16 20.83
N PRO A 40 6.01 -0.47 21.59
CA PRO A 40 5.78 -0.12 22.99
C PRO A 40 6.95 -0.52 23.89
N SER A 41 6.83 -0.21 25.18
CA SER A 41 7.88 -0.54 26.14
C SER A 41 7.58 -1.85 26.85
N GLY A 42 8.52 -2.79 26.77
CA GLY A 42 8.34 -4.07 27.41
C GLY A 42 8.58 -5.23 26.47
N PRO A 43 7.61 -5.47 25.57
CA PRO A 43 7.70 -6.56 24.59
C PRO A 43 8.76 -6.30 23.53
N SER A 44 9.91 -6.94 23.67
CA SER A 44 11.01 -6.77 22.73
C SER A 44 11.15 -8.00 21.83
N SER A 45 11.64 -7.78 20.61
CA SER A 45 11.82 -8.87 19.65
C SER A 45 13.08 -8.67 18.83
N GLY A 46 13.68 -9.76 18.40
CA GLY A 46 14.89 -9.69 17.60
C GLY A 46 15.99 -10.58 18.13
ZN ZN B . -2.19 0.66 4.26
N GLY A 1 -19.51 -17.11 -28.85
CA GLY A 1 -18.16 -16.58 -28.68
C GLY A 1 -17.94 -15.29 -29.44
N SER A 2 -17.31 -14.32 -28.79
CA SER A 2 -17.04 -13.02 -29.41
C SER A 2 -15.61 -12.57 -29.12
N SER A 3 -15.16 -11.58 -29.87
CA SER A 3 -13.80 -11.04 -29.71
C SER A 3 -13.67 -10.32 -28.37
N GLY A 4 -14.52 -9.32 -28.15
CA GLY A 4 -14.49 -8.56 -26.92
C GLY A 4 -13.21 -7.75 -26.78
N SER A 5 -13.34 -6.55 -26.21
CA SER A 5 -12.19 -5.67 -26.03
C SER A 5 -11.39 -6.08 -24.80
N SER A 6 -10.14 -5.62 -24.73
CA SER A 6 -9.26 -5.93 -23.61
C SER A 6 -8.76 -4.66 -22.93
N GLY A 7 -8.29 -4.81 -21.70
CA GLY A 7 -7.78 -3.66 -20.96
C GLY A 7 -8.22 -3.66 -19.51
N HIS A 8 -7.67 -4.59 -18.73
CA HIS A 8 -8.02 -4.70 -17.32
C HIS A 8 -6.83 -4.32 -16.44
N GLY A 9 -6.13 -3.26 -16.82
CA GLY A 9 -4.98 -2.82 -16.05
C GLY A 9 -5.33 -1.77 -15.03
N GLU A 10 -4.32 -1.21 -14.37
CA GLU A 10 -4.53 -0.18 -13.36
C GLU A 10 -3.31 0.73 -13.25
N ARG A 11 -3.52 1.93 -12.72
CA ARG A 11 -2.45 2.90 -12.56
C ARG A 11 -2.56 3.62 -11.21
N GLY A 12 -1.49 3.55 -10.43
CA GLY A 12 -1.49 4.19 -9.13
C GLY A 12 -0.54 3.54 -8.15
N HIS A 13 -0.95 3.43 -6.90
CA HIS A 13 -0.12 2.82 -5.87
C HIS A 13 -0.98 2.09 -4.84
N ARG A 14 -0.84 0.77 -4.77
CA ARG A 14 -1.60 -0.03 -3.82
C ARG A 14 -0.78 -0.33 -2.58
N CYS A 15 -1.44 -0.32 -1.41
CA CYS A 15 -0.77 -0.59 -0.15
C CYS A 15 -0.70 -2.08 0.11
N SER A 16 0.25 -2.49 0.94
CA SER A 16 0.43 -3.90 1.27
C SER A 16 -0.03 -4.19 2.70
N ASP A 17 0.13 -3.19 3.57
CA ASP A 17 -0.27 -3.32 4.96
C ASP A 17 -1.75 -3.65 5.08
N CYS A 18 -2.59 -2.85 4.44
CA CYS A 18 -4.03 -3.06 4.46
C CYS A 18 -4.53 -3.58 3.12
N GLY A 19 -4.05 -2.97 2.04
CA GLY A 19 -4.46 -3.39 0.71
C GLY A 19 -5.32 -2.35 0.02
N LYS A 20 -5.03 -1.08 0.28
CA LYS A 20 -5.79 0.02 -0.32
C LYS A 20 -5.20 0.40 -1.67
N PHE A 21 -5.77 1.43 -2.29
CA PHE A 21 -5.30 1.90 -3.59
C PHE A 21 -5.24 3.42 -3.63
N PHE A 22 -4.34 3.95 -4.45
CA PHE A 22 -4.18 5.40 -4.58
C PHE A 22 -3.75 5.77 -5.99
N LEU A 23 -3.75 7.07 -6.29
CA LEU A 23 -3.35 7.56 -7.59
C LEU A 23 -2.17 8.51 -7.50
N GLN A 24 -2.15 9.30 -6.42
CA GLN A 24 -1.06 10.25 -6.20
C GLN A 24 -0.06 9.71 -5.19
N ALA A 25 1.19 9.55 -5.62
CA ALA A 25 2.24 9.04 -4.76
C ALA A 25 2.13 9.63 -3.36
N SER A 26 2.31 10.94 -3.25
CA SER A 26 2.24 11.62 -1.97
C SER A 26 1.12 11.05 -1.11
N ASN A 27 -0.09 11.01 -1.66
CA ASN A 27 -1.24 10.47 -0.95
C ASN A 27 -1.00 9.03 -0.53
N PHE A 28 -0.27 8.29 -1.36
CA PHE A 28 0.03 6.90 -1.08
C PHE A 28 1.09 6.77 0.00
N ILE A 29 2.02 7.72 0.02
CA ILE A 29 3.09 7.73 1.00
C ILE A 29 2.57 8.07 2.40
N GLN A 30 1.80 9.15 2.48
CA GLN A 30 1.24 9.59 3.75
C GLN A 30 0.26 8.54 4.30
N HIS A 31 0.00 7.51 3.51
CA HIS A 31 -0.91 6.44 3.91
C HIS A 31 -0.14 5.27 4.51
N ARG A 32 1.06 5.01 3.97
CA ARG A 32 1.88 3.92 4.45
C ARG A 32 2.44 4.22 5.84
N ARG A 33 2.29 5.47 6.27
CA ARG A 33 2.78 5.89 7.58
C ARG A 33 1.87 5.38 8.69
N ILE A 34 0.57 5.46 8.47
CA ILE A 34 -0.41 5.00 9.45
C ILE A 34 -0.01 3.65 10.04
N HIS A 35 0.53 2.78 9.20
CA HIS A 35 0.97 1.46 9.64
C HIS A 35 2.27 1.55 10.44
N THR A 36 3.06 2.58 10.15
CA THR A 36 4.33 2.77 10.84
C THR A 36 4.11 3.19 12.30
N GLY A 37 4.39 2.27 13.21
CA GLY A 37 4.21 2.56 14.63
C GLY A 37 3.80 1.33 15.42
N GLU A 38 2.88 0.55 14.86
CA GLU A 38 2.39 -0.65 15.53
C GLU A 38 2.81 -1.90 14.76
N LYS A 39 2.92 -3.01 15.47
CA LYS A 39 3.30 -4.28 14.85
C LYS A 39 2.69 -4.41 13.46
N PRO A 40 3.49 -4.92 12.51
CA PRO A 40 3.05 -5.11 11.13
C PRO A 40 2.02 -6.23 11.00
N SER A 41 1.76 -6.65 9.76
CA SER A 41 0.79 -7.71 9.51
C SER A 41 1.13 -8.96 10.31
N GLY A 42 2.35 -9.46 10.15
CA GLY A 42 2.78 -10.64 10.87
C GLY A 42 4.25 -10.62 11.21
N PRO A 43 4.60 -9.84 12.25
CA PRO A 43 6.00 -9.71 12.69
C PRO A 43 6.52 -10.99 13.35
N SER A 44 7.81 -11.00 13.67
CA SER A 44 8.42 -12.16 14.30
C SER A 44 8.44 -12.01 15.83
N SER A 45 8.34 -13.14 16.52
CA SER A 45 8.33 -13.14 17.97
C SER A 45 9.20 -14.28 18.52
N GLY A 46 9.56 -14.16 19.79
CA GLY A 46 10.39 -15.18 20.41
C GLY A 46 9.65 -15.95 21.49
ZN ZN B . -2.42 0.78 4.10
N GLY A 1 -11.23 -20.64 -18.60
CA GLY A 1 -10.70 -19.54 -19.38
C GLY A 1 -9.93 -18.55 -18.54
N SER A 2 -8.73 -18.93 -18.13
CA SER A 2 -7.88 -18.07 -17.30
C SER A 2 -7.64 -16.73 -18.00
N SER A 3 -8.43 -15.73 -17.64
CA SER A 3 -8.31 -14.40 -18.22
C SER A 3 -7.45 -13.50 -17.34
N GLY A 4 -6.39 -12.97 -17.92
CA GLY A 4 -5.49 -12.09 -17.16
C GLY A 4 -4.50 -11.39 -18.06
N SER A 5 -5.00 -10.68 -19.07
CA SER A 5 -4.15 -9.96 -20.00
C SER A 5 -4.08 -8.48 -19.64
N SER A 6 -2.86 -7.96 -19.50
CA SER A 6 -2.67 -6.56 -19.16
C SER A 6 -3.47 -5.66 -20.08
N GLY A 7 -3.20 -5.75 -21.38
CA GLY A 7 -3.91 -4.93 -22.35
C GLY A 7 -3.40 -3.50 -22.38
N HIS A 8 -3.75 -2.74 -21.35
CA HIS A 8 -3.32 -1.34 -21.27
C HIS A 8 -2.34 -1.14 -20.12
N GLY A 9 -2.74 -1.59 -18.93
CA GLY A 9 -1.89 -1.44 -17.76
C GLY A 9 -2.66 -1.04 -16.53
N GLU A 10 -2.08 -0.14 -15.73
CA GLU A 10 -2.73 0.33 -14.51
C GLU A 10 -1.91 1.44 -13.86
N ARG A 11 -2.61 2.43 -13.30
CA ARG A 11 -1.96 3.56 -12.65
C ARG A 11 -2.44 3.70 -11.21
N GLY A 12 -1.50 3.93 -10.31
CA GLY A 12 -1.84 4.09 -8.91
C GLY A 12 -0.87 3.37 -7.99
N HIS A 13 -1.23 3.29 -6.70
CA HIS A 13 -0.38 2.61 -5.72
C HIS A 13 -1.24 1.93 -4.66
N ARG A 14 -1.15 0.60 -4.60
CA ARG A 14 -1.92 -0.17 -3.63
C ARG A 14 -1.06 -0.52 -2.42
N CYS A 15 -1.65 -0.44 -1.23
CA CYS A 15 -0.94 -0.74 0.01
C CYS A 15 -0.96 -2.25 0.29
N SER A 16 0.00 -2.70 1.07
CA SER A 16 0.10 -4.13 1.41
C SER A 16 -0.32 -4.36 2.86
N ASP A 17 -0.05 -3.39 3.72
CA ASP A 17 -0.40 -3.48 5.13
C ASP A 17 -1.89 -3.70 5.30
N CYS A 18 -2.69 -2.81 4.74
CA CYS A 18 -4.15 -2.90 4.83
C CYS A 18 -4.74 -3.42 3.53
N GLY A 19 -4.27 -2.89 2.41
CA GLY A 19 -4.78 -3.32 1.12
C GLY A 19 -5.66 -2.28 0.46
N LYS A 20 -5.24 -1.02 0.53
CA LYS A 20 -5.99 0.07 -0.06
C LYS A 20 -5.45 0.44 -1.43
N PHE A 21 -6.05 1.45 -2.05
CA PHE A 21 -5.62 1.90 -3.38
C PHE A 21 -5.51 3.42 -3.42
N PHE A 22 -4.63 3.92 -4.28
CA PHE A 22 -4.42 5.36 -4.42
C PHE A 22 -4.02 5.71 -5.85
N LEU A 23 -4.11 6.98 -6.19
CA LEU A 23 -3.76 7.46 -7.52
C LEU A 23 -2.56 8.40 -7.47
N GLN A 24 -2.48 9.18 -6.40
CA GLN A 24 -1.38 10.12 -6.22
C GLN A 24 -0.31 9.56 -5.29
N ALA A 25 0.90 9.39 -5.80
CA ALA A 25 2.00 8.85 -5.02
C ALA A 25 2.03 9.47 -3.63
N SER A 26 2.15 10.80 -3.58
CA SER A 26 2.19 11.52 -2.30
C SER A 26 1.14 10.97 -1.34
N ASN A 27 -0.10 10.92 -1.80
CA ASN A 27 -1.21 10.42 -0.99
C ASN A 27 -0.95 8.99 -0.54
N PHE A 28 -0.30 8.22 -1.41
CA PHE A 28 0.01 6.82 -1.11
C PHE A 28 1.12 6.72 -0.07
N ILE A 29 2.01 7.71 -0.07
CA ILE A 29 3.13 7.73 0.87
C ILE A 29 2.64 8.08 2.28
N GLN A 30 1.88 9.15 2.39
CA GLN A 30 1.36 9.59 3.67
C GLN A 30 0.39 8.57 4.25
N HIS A 31 0.12 7.52 3.48
CA HIS A 31 -0.78 6.47 3.92
C HIS A 31 0.00 5.29 4.49
N ARG A 32 1.16 5.00 3.90
CA ARG A 32 2.00 3.90 4.35
C ARG A 32 2.59 4.21 5.73
N ARG A 33 2.48 5.46 6.16
CA ARG A 33 3.01 5.87 7.45
C ARG A 33 2.13 5.35 8.59
N ILE A 34 0.82 5.46 8.40
CA ILE A 34 -0.14 4.99 9.41
C ILE A 34 0.30 3.66 10.00
N HIS A 35 0.88 2.81 9.16
CA HIS A 35 1.35 1.49 9.60
C HIS A 35 2.70 1.59 10.29
N THR A 36 3.48 2.60 9.91
CA THR A 36 4.80 2.81 10.49
C THR A 36 4.69 3.24 11.95
N GLY A 37 5.84 3.59 12.54
CA GLY A 37 5.85 4.01 13.93
C GLY A 37 6.58 3.04 14.83
N GLU A 38 6.41 3.20 16.14
CA GLU A 38 7.07 2.34 17.10
C GLU A 38 6.20 1.13 17.43
N LYS A 39 6.51 -0.01 16.85
CA LYS A 39 5.76 -1.24 17.07
C LYS A 39 6.61 -2.28 17.79
N PRO A 40 5.94 -3.19 18.53
CA PRO A 40 6.62 -4.25 19.28
C PRO A 40 7.24 -5.30 18.36
N SER A 41 8.41 -5.81 18.75
CA SER A 41 9.10 -6.82 17.96
C SER A 41 8.26 -8.08 17.85
N GLY A 42 7.90 -8.44 16.62
CA GLY A 42 7.10 -9.64 16.39
C GLY A 42 5.89 -9.36 15.51
N PRO A 43 4.78 -8.97 16.14
CA PRO A 43 3.53 -8.68 15.42
C PRO A 43 3.63 -7.40 14.58
N SER A 44 4.10 -7.55 13.34
CA SER A 44 4.24 -6.42 12.44
C SER A 44 4.66 -6.88 11.05
N SER A 45 4.52 -5.99 10.07
CA SER A 45 4.89 -6.31 8.69
C SER A 45 6.36 -6.01 8.44
N GLY A 46 6.84 -6.38 7.25
CA GLY A 46 8.23 -6.15 6.90
C GLY A 46 8.38 -5.40 5.60
ZN ZN B . -2.31 0.83 4.23
N GLY A 1 1.36 -25.07 -22.51
CA GLY A 1 1.08 -23.70 -22.10
C GLY A 1 0.46 -23.61 -20.73
N SER A 2 0.99 -22.71 -19.91
CA SER A 2 0.48 -22.53 -18.55
C SER A 2 -0.65 -21.51 -18.52
N SER A 3 -1.47 -21.57 -17.48
CA SER A 3 -2.60 -20.66 -17.34
C SER A 3 -2.19 -19.42 -16.55
N GLY A 4 -2.32 -18.26 -17.18
CA GLY A 4 -1.96 -17.01 -16.53
C GLY A 4 -2.66 -15.82 -17.14
N SER A 5 -2.99 -14.83 -16.32
CA SER A 5 -3.66 -13.62 -16.79
C SER A 5 -2.65 -12.52 -17.08
N SER A 6 -2.63 -12.06 -18.34
CA SER A 6 -1.72 -11.01 -18.76
C SER A 6 -2.27 -9.63 -18.40
N GLY A 7 -1.40 -8.74 -17.96
CA GLY A 7 -1.82 -7.40 -17.59
C GLY A 7 -2.66 -7.38 -16.33
N HIS A 8 -2.02 -7.15 -15.19
CA HIS A 8 -2.73 -7.10 -13.91
C HIS A 8 -3.33 -5.73 -13.67
N GLY A 9 -2.50 -4.70 -13.71
CA GLY A 9 -2.97 -3.34 -13.49
C GLY A 9 -1.92 -2.45 -12.87
N GLU A 10 -1.32 -1.59 -13.68
CA GLU A 10 -0.29 -0.68 -13.19
C GLU A 10 -0.84 0.74 -13.04
N ARG A 11 -2.08 0.83 -12.54
CA ARG A 11 -2.72 2.12 -12.33
C ARG A 11 -2.84 2.45 -10.86
N GLY A 12 -2.56 3.70 -10.50
CA GLY A 12 -2.64 4.11 -9.11
C GLY A 12 -1.58 3.45 -8.25
N HIS A 13 -1.82 3.44 -6.94
CA HIS A 13 -0.87 2.83 -6.00
C HIS A 13 -1.61 2.21 -4.82
N ARG A 14 -1.68 0.87 -4.83
CA ARG A 14 -2.37 0.15 -3.76
C ARG A 14 -1.40 -0.17 -2.62
N CYS A 15 -1.88 -0.04 -1.39
CA CYS A 15 -1.06 -0.31 -0.21
C CYS A 15 -0.81 -1.82 -0.06
N SER A 16 0.20 -2.17 0.72
CA SER A 16 0.53 -3.57 0.94
C SER A 16 0.08 -4.02 2.33
N ASP A 17 0.18 -3.12 3.30
CA ASP A 17 -0.21 -3.42 4.67
C ASP A 17 -1.70 -3.79 4.74
N CYS A 18 -2.55 -2.88 4.28
CA CYS A 18 -3.99 -3.10 4.29
C CYS A 18 -4.49 -3.49 2.90
N GLY A 19 -4.03 -2.76 1.89
CA GLY A 19 -4.44 -3.05 0.52
C GLY A 19 -5.23 -1.92 -0.09
N LYS A 20 -5.26 -0.78 0.57
CA LYS A 20 -5.99 0.39 0.08
C LYS A 20 -5.53 0.77 -1.32
N PHE A 21 -6.14 1.81 -1.87
CA PHE A 21 -5.79 2.28 -3.22
C PHE A 21 -5.68 3.80 -3.24
N PHE A 22 -4.85 4.31 -4.14
CA PHE A 22 -4.65 5.75 -4.28
C PHE A 22 -4.33 6.12 -5.72
N LEU A 23 -4.27 7.42 -5.99
CA LEU A 23 -3.97 7.91 -7.33
C LEU A 23 -2.72 8.80 -7.32
N GLN A 24 -2.54 9.54 -6.24
CA GLN A 24 -1.38 10.42 -6.10
C GLN A 24 -0.33 9.81 -5.20
N ALA A 25 0.85 9.53 -5.76
CA ALA A 25 1.95 8.94 -5.00
C ALA A 25 1.98 9.50 -3.58
N SER A 26 2.18 10.80 -3.46
CA SER A 26 2.25 11.45 -2.15
C SER A 26 1.17 10.89 -1.22
N ASN A 27 -0.08 10.98 -1.65
CA ASN A 27 -1.19 10.49 -0.85
C ASN A 27 -0.98 9.03 -0.45
N PHE A 28 -0.34 8.27 -1.33
CA PHE A 28 -0.07 6.85 -1.07
C PHE A 28 1.06 6.71 -0.06
N ILE A 29 1.99 7.66 -0.07
CA ILE A 29 3.12 7.63 0.85
C ILE A 29 2.70 7.98 2.27
N GLN A 30 1.94 9.07 2.40
CA GLN A 30 1.46 9.51 3.71
C GLN A 30 0.49 8.50 4.30
N HIS A 31 0.18 7.45 3.53
CA HIS A 31 -0.73 6.42 3.99
C HIS A 31 0.03 5.20 4.52
N ARG A 32 1.15 4.89 3.87
CA ARG A 32 1.97 3.76 4.28
C ARG A 32 2.60 4.01 5.64
N ARG A 33 2.51 5.25 6.12
CA ARG A 33 3.08 5.62 7.41
C ARG A 33 2.22 5.09 8.55
N ILE A 34 0.90 5.28 8.44
CA ILE A 34 -0.02 4.83 9.47
C ILE A 34 0.39 3.47 10.02
N HIS A 35 0.86 2.60 9.13
CA HIS A 35 1.29 1.25 9.53
C HIS A 35 2.65 1.32 10.23
N THR A 36 3.49 2.25 9.78
CA THR A 36 4.83 2.41 10.36
C THR A 36 4.75 2.80 11.83
N GLY A 37 4.02 3.88 12.11
CA GLY A 37 3.89 4.34 13.49
C GLY A 37 3.79 3.19 14.47
N GLU A 38 2.87 2.27 14.23
CA GLU A 38 2.68 1.12 15.10
C GLU A 38 3.30 -0.13 14.50
N LYS A 39 3.45 -1.17 15.32
CA LYS A 39 4.04 -2.42 14.87
C LYS A 39 3.32 -3.61 15.50
N PRO A 40 2.96 -4.60 14.67
CA PRO A 40 2.26 -5.80 15.12
C PRO A 40 3.16 -6.71 15.96
N SER A 41 2.55 -7.68 16.64
CA SER A 41 3.29 -8.61 17.48
C SER A 41 3.56 -9.91 16.75
N GLY A 42 2.55 -10.43 16.07
CA GLY A 42 2.69 -11.67 15.33
C GLY A 42 3.95 -11.69 14.49
N PRO A 43 3.87 -11.11 13.28
CA PRO A 43 5.00 -11.05 12.36
C PRO A 43 6.11 -10.12 12.85
N SER A 44 7.34 -10.38 12.41
CA SER A 44 8.48 -9.56 12.81
C SER A 44 9.42 -9.33 11.62
N SER A 45 9.92 -8.11 11.51
CA SER A 45 10.82 -7.75 10.43
C SER A 45 12.10 -8.57 10.49
N GLY A 46 12.50 -9.12 9.34
CA GLY A 46 13.70 -9.93 9.29
C GLY A 46 14.32 -9.96 7.90
ZN ZN B . -2.40 0.75 4.18
N GLY A 1 0.36 -7.49 -29.47
CA GLY A 1 0.61 -8.21 -28.25
C GLY A 1 -0.28 -9.42 -28.09
N SER A 2 0.12 -10.34 -27.21
CA SER A 2 -0.64 -11.56 -26.98
C SER A 2 -0.88 -11.78 -25.49
N SER A 3 0.19 -11.63 -24.72
CA SER A 3 0.12 -11.82 -23.26
C SER A 3 0.82 -10.69 -22.53
N GLY A 4 0.60 -10.61 -21.22
CA GLY A 4 1.22 -9.57 -20.43
C GLY A 4 0.98 -8.18 -21.00
N SER A 5 -0.23 -7.67 -20.82
CA SER A 5 -0.58 -6.35 -21.32
C SER A 5 -0.16 -5.25 -20.33
N SER A 6 0.31 -5.68 -19.16
CA SER A 6 0.74 -4.74 -18.14
C SER A 6 2.17 -5.03 -17.70
N GLY A 7 3.05 -4.04 -17.88
CA GLY A 7 4.44 -4.21 -17.50
C GLY A 7 5.05 -2.93 -16.94
N HIS A 8 5.01 -1.87 -17.73
CA HIS A 8 5.56 -0.58 -17.31
C HIS A 8 5.13 -0.25 -15.89
N GLY A 9 3.86 -0.46 -15.59
CA GLY A 9 3.34 -0.17 -14.27
C GLY A 9 1.83 -0.16 -14.21
N GLU A 10 1.27 0.43 -13.17
CA GLU A 10 -0.17 0.51 -13.01
C GLU A 10 -0.62 1.95 -12.81
N ARG A 11 -1.94 2.15 -12.80
CA ARG A 11 -2.50 3.49 -12.63
C ARG A 11 -2.93 3.71 -11.18
N GLY A 12 -1.94 3.90 -10.30
CA GLY A 12 -2.23 4.12 -8.89
C GLY A 12 -1.24 3.42 -7.99
N HIS A 13 -1.61 3.29 -6.71
CA HIS A 13 -0.74 2.64 -5.74
C HIS A 13 -1.57 1.97 -4.63
N ARG A 14 -1.53 0.65 -4.59
CA ARG A 14 -2.27 -0.12 -3.60
C ARG A 14 -1.37 -0.49 -2.42
N CYS A 15 -1.92 -0.38 -1.21
CA CYS A 15 -1.16 -0.71 0.00
C CYS A 15 -1.21 -2.21 0.27
N SER A 16 -0.20 -2.71 0.98
CA SER A 16 -0.12 -4.12 1.31
C SER A 16 -0.47 -4.36 2.78
N ASP A 17 -0.16 -3.38 3.62
CA ASP A 17 -0.45 -3.48 5.05
C ASP A 17 -1.94 -3.69 5.29
N CYS A 18 -2.76 -2.82 4.70
CA CYS A 18 -4.20 -2.90 4.86
C CYS A 18 -4.86 -3.40 3.58
N GLY A 19 -4.43 -2.85 2.44
CA GLY A 19 -4.99 -3.25 1.16
C GLY A 19 -5.89 -2.19 0.56
N LYS A 20 -5.42 -0.94 0.60
CA LYS A 20 -6.19 0.17 0.05
C LYS A 20 -5.71 0.53 -1.34
N PHE A 21 -6.27 1.60 -1.92
CA PHE A 21 -5.89 2.05 -3.24
C PHE A 21 -5.77 3.56 -3.29
N PHE A 22 -4.92 4.06 -4.18
CA PHE A 22 -4.70 5.50 -4.34
C PHE A 22 -4.36 5.85 -5.78
N LEU A 23 -4.37 7.15 -6.08
CA LEU A 23 -4.06 7.61 -7.42
C LEU A 23 -2.85 8.54 -7.41
N GLN A 24 -2.74 9.35 -6.37
CA GLN A 24 -1.62 10.28 -6.24
C GLN A 24 -0.52 9.69 -5.36
N ALA A 25 0.61 9.37 -5.98
CA ALA A 25 1.74 8.79 -5.26
C ALA A 25 1.82 9.36 -3.85
N SER A 26 1.96 10.68 -3.74
CA SER A 26 2.06 11.33 -2.43
C SER A 26 1.01 10.78 -1.48
N ASN A 27 -0.25 10.86 -1.89
CA ASN A 27 -1.35 10.36 -1.06
C ASN A 27 -1.12 8.92 -0.65
N PHE A 28 -0.44 8.16 -1.50
CA PHE A 28 -0.14 6.76 -1.22
C PHE A 28 1.02 6.63 -0.25
N ILE A 29 1.95 7.57 -0.32
CA ILE A 29 3.12 7.56 0.56
C ILE A 29 2.74 7.94 1.98
N GLN A 30 2.01 9.03 2.13
CA GLN A 30 1.57 9.50 3.43
C GLN A 30 0.63 8.50 4.08
N HIS A 31 0.27 7.46 3.34
CA HIS A 31 -0.64 6.43 3.84
C HIS A 31 0.15 5.22 4.36
N ARG A 32 1.25 4.90 3.69
CA ARG A 32 2.08 3.77 4.08
C ARG A 32 2.76 4.05 5.42
N ARG A 33 2.72 5.31 5.86
CA ARG A 33 3.33 5.69 7.12
C ARG A 33 2.52 5.18 8.31
N ILE A 34 1.21 5.35 8.22
CA ILE A 34 0.31 4.91 9.29
C ILE A 34 0.74 3.55 9.84
N HIS A 35 1.25 2.69 8.96
CA HIS A 35 1.69 1.36 9.36
C HIS A 35 3.11 1.42 9.92
N THR A 36 3.89 2.38 9.45
CA THR A 36 5.27 2.55 9.91
C THR A 36 5.32 2.94 11.39
N GLY A 37 5.81 2.03 12.22
CA GLY A 37 5.90 2.31 13.64
C GLY A 37 7.23 1.89 14.23
N GLU A 38 7.31 1.86 15.56
CA GLU A 38 8.53 1.47 16.24
C GLU A 38 8.64 -0.05 16.35
N LYS A 39 9.84 -0.56 16.07
CA LYS A 39 10.08 -2.01 16.12
C LYS A 39 11.40 -2.30 16.83
N PRO A 40 11.36 -3.30 17.73
CA PRO A 40 12.55 -3.71 18.50
C PRO A 40 13.59 -4.39 17.62
N SER A 41 14.87 -4.16 17.93
CA SER A 41 15.97 -4.74 17.17
C SER A 41 16.25 -6.17 17.64
N GLY A 42 16.15 -7.12 16.72
CA GLY A 42 16.41 -8.50 17.07
C GLY A 42 15.32 -9.44 16.55
N PRO A 43 14.15 -9.39 17.20
CA PRO A 43 13.00 -10.23 16.81
C PRO A 43 12.40 -9.82 15.48
N SER A 44 12.47 -8.53 15.17
CA SER A 44 11.94 -8.00 13.93
C SER A 44 12.37 -8.86 12.74
N SER A 45 11.72 -8.67 11.60
CA SER A 45 12.03 -9.42 10.39
C SER A 45 12.57 -8.49 9.30
N GLY A 46 13.78 -8.77 8.84
CA GLY A 46 14.38 -7.96 7.80
C GLY A 46 15.10 -8.80 6.75
ZN ZN B . -2.37 0.85 4.29
N GLY A 1 -8.95 -15.89 -24.97
CA GLY A 1 -9.38 -14.98 -23.92
C GLY A 1 -8.62 -13.68 -23.92
N SER A 2 -8.87 -12.85 -22.92
CA SER A 2 -8.21 -11.55 -22.81
C SER A 2 -7.54 -11.40 -21.45
N SER A 3 -6.41 -10.70 -21.42
CA SER A 3 -5.67 -10.48 -20.19
C SER A 3 -6.23 -9.29 -19.42
N GLY A 4 -6.35 -8.15 -20.09
CA GLY A 4 -6.87 -6.95 -19.46
C GLY A 4 -6.34 -5.68 -20.09
N SER A 5 -6.89 -5.31 -21.23
CA SER A 5 -6.46 -4.12 -21.94
C SER A 5 -6.64 -2.87 -21.07
N SER A 6 -7.79 -2.79 -20.42
CA SER A 6 -8.09 -1.65 -19.55
C SER A 6 -6.89 -1.28 -18.71
N GLY A 7 -6.41 -2.23 -17.90
CA GLY A 7 -5.26 -1.98 -17.06
C GLY A 7 -3.96 -1.95 -17.84
N HIS A 8 -3.53 -0.75 -18.24
CA HIS A 8 -2.30 -0.60 -18.99
C HIS A 8 -1.09 -0.49 -18.06
N GLY A 9 -0.28 -1.54 -18.03
CA GLY A 9 0.90 -1.55 -17.18
C GLY A 9 0.54 -1.44 -15.71
N GLU A 10 0.24 -0.22 -15.26
CA GLU A 10 -0.11 0.01 -13.87
C GLU A 10 -1.12 1.14 -13.75
N ARG A 11 -1.65 1.33 -12.55
CA ARG A 11 -2.64 2.38 -12.30
C ARG A 11 -2.75 2.67 -10.80
N GLY A 12 -2.43 3.89 -10.41
CA GLY A 12 -2.50 4.28 -9.02
C GLY A 12 -1.48 3.55 -8.15
N HIS A 13 -1.71 3.53 -6.85
CA HIS A 13 -0.81 2.86 -5.93
C HIS A 13 -1.59 2.19 -4.79
N ARG A 14 -1.56 0.86 -4.78
CA ARG A 14 -2.27 0.10 -3.74
C ARG A 14 -1.34 -0.24 -2.59
N CYS A 15 -1.90 -0.27 -1.38
CA CYS A 15 -1.12 -0.58 -0.18
C CYS A 15 -1.08 -2.08 0.07
N SER A 16 -0.11 -2.52 0.87
CA SER A 16 0.03 -3.93 1.19
C SER A 16 -0.29 -4.20 2.65
N ASP A 17 -0.02 -3.21 3.51
CA ASP A 17 -0.28 -3.33 4.93
C ASP A 17 -1.76 -3.59 5.19
N CYS A 18 -2.61 -2.76 4.60
CA CYS A 18 -4.06 -2.91 4.76
C CYS A 18 -4.71 -3.40 3.48
N GLY A 19 -4.32 -2.82 2.35
CA GLY A 19 -4.87 -3.23 1.08
C GLY A 19 -5.74 -2.14 0.46
N LYS A 20 -5.35 -0.89 0.65
CA LYS A 20 -6.10 0.23 0.10
C LYS A 20 -5.59 0.60 -1.29
N PHE A 21 -6.22 1.61 -1.89
CA PHE A 21 -5.83 2.05 -3.22
C PHE A 21 -5.72 3.57 -3.27
N PHE A 22 -4.85 4.07 -4.14
CA PHE A 22 -4.65 5.50 -4.29
C PHE A 22 -4.28 5.87 -5.73
N LEU A 23 -4.25 7.16 -6.02
CA LEU A 23 -3.91 7.63 -7.36
C LEU A 23 -2.70 8.57 -7.32
N GLN A 24 -2.61 9.37 -6.26
CA GLN A 24 -1.51 10.30 -6.10
C GLN A 24 -0.44 9.72 -5.17
N ALA A 25 0.73 9.44 -5.74
CA ALA A 25 1.84 8.89 -4.96
C ALA A 25 1.90 9.51 -3.56
N SER A 26 2.09 10.83 -3.52
CA SER A 26 2.17 11.54 -2.25
C SER A 26 1.13 11.02 -1.26
N ASN A 27 -0.14 11.02 -1.69
CA ASN A 27 -1.22 10.54 -0.84
C ASN A 27 -1.01 9.10 -0.44
N PHE A 28 -0.43 8.32 -1.35
CA PHE A 28 -0.16 6.91 -1.09
C PHE A 28 0.98 6.74 -0.10
N ILE A 29 1.95 7.65 -0.16
CA ILE A 29 3.10 7.61 0.73
C ILE A 29 2.69 7.90 2.17
N GLN A 30 2.05 9.04 2.38
CA GLN A 30 1.61 9.44 3.71
C GLN A 30 0.66 8.40 4.30
N HIS A 31 0.25 7.45 3.47
CA HIS A 31 -0.66 6.40 3.90
C HIS A 31 0.11 5.18 4.40
N ARG A 32 1.21 4.87 3.73
CA ARG A 32 2.04 3.73 4.11
C ARG A 32 2.71 3.97 5.46
N ARG A 33 2.65 5.21 5.94
CA ARG A 33 3.25 5.56 7.22
C ARG A 33 2.37 5.12 8.38
N ILE A 34 1.07 5.35 8.25
CA ILE A 34 0.12 4.97 9.29
C ILE A 34 0.47 3.63 9.89
N HIS A 35 1.01 2.73 9.06
CA HIS A 35 1.39 1.40 9.52
C HIS A 35 2.77 1.43 10.17
N THR A 36 3.64 2.29 9.66
CA THR A 36 4.99 2.41 10.20
C THR A 36 4.96 2.73 11.69
N GLY A 37 5.38 1.76 12.50
CA GLY A 37 5.40 1.96 13.94
C GLY A 37 6.65 1.40 14.59
N GLU A 38 6.66 0.09 14.81
CA GLU A 38 7.80 -0.57 15.43
C GLU A 38 9.10 -0.22 14.70
N LYS A 39 10.14 0.05 15.47
CA LYS A 39 11.44 0.41 14.90
C LYS A 39 12.37 -0.79 14.88
N PRO A 40 13.05 -1.01 13.74
CA PRO A 40 13.98 -2.12 13.56
C PRO A 40 15.25 -1.96 14.40
N SER A 41 16.02 -3.03 14.53
CA SER A 41 17.26 -3.00 15.30
C SER A 41 18.38 -2.36 14.49
N GLY A 42 18.20 -1.09 14.15
CA GLY A 42 19.21 -0.38 13.38
C GLY A 42 19.23 1.10 13.68
N PRO A 43 18.20 1.82 13.22
CA PRO A 43 18.07 3.26 13.43
C PRO A 43 17.79 3.62 14.89
N SER A 44 18.81 4.13 15.57
CA SER A 44 18.67 4.51 16.98
C SER A 44 19.42 5.81 17.27
N SER A 45 18.83 6.66 18.10
CA SER A 45 19.43 7.93 18.45
C SER A 45 19.66 8.02 19.96
N GLY A 46 20.11 6.92 20.55
CA GLY A 46 20.35 6.89 21.99
C GLY A 46 20.18 5.51 22.58
ZN ZN B . -2.33 0.85 4.14
N GLY A 1 -10.54 -22.25 -9.67
CA GLY A 1 -11.19 -21.20 -10.42
C GLY A 1 -10.56 -19.84 -10.23
N SER A 2 -11.38 -18.82 -10.05
CA SER A 2 -10.90 -17.46 -9.86
C SER A 2 -10.29 -17.29 -8.47
N SER A 3 -9.04 -16.87 -8.41
CA SER A 3 -8.36 -16.68 -7.14
C SER A 3 -7.61 -15.35 -7.12
N GLY A 4 -8.28 -14.32 -6.61
CA GLY A 4 -7.67 -13.00 -6.53
C GLY A 4 -8.10 -12.10 -7.68
N SER A 5 -7.16 -11.71 -8.53
CA SER A 5 -7.45 -10.84 -9.65
C SER A 5 -8.52 -9.82 -9.29
N SER A 6 -8.42 -9.27 -8.09
CA SER A 6 -9.38 -8.27 -7.62
C SER A 6 -9.77 -7.32 -8.74
N GLY A 7 -8.77 -6.60 -9.26
CA GLY A 7 -9.03 -5.65 -10.33
C GLY A 7 -7.80 -5.41 -11.20
N HIS A 8 -8.02 -4.95 -12.42
CA HIS A 8 -6.92 -4.67 -13.34
C HIS A 8 -6.73 -3.16 -13.51
N GLY A 9 -5.85 -2.58 -12.70
CA GLY A 9 -5.58 -1.16 -12.79
C GLY A 9 -4.25 -0.79 -12.17
N GLU A 10 -3.21 -0.73 -13.00
CA GLU A 10 -1.88 -0.38 -12.53
C GLU A 10 -1.80 1.09 -12.16
N ARG A 11 -2.32 1.95 -13.04
CA ARG A 11 -2.31 3.39 -12.80
C ARG A 11 -2.72 3.70 -11.36
N GLY A 12 -1.74 3.86 -10.49
CA GLY A 12 -2.01 4.16 -9.10
C GLY A 12 -1.01 3.54 -8.15
N HIS A 13 -1.36 3.47 -6.87
CA HIS A 13 -0.48 2.90 -5.86
C HIS A 13 -1.28 2.18 -4.78
N ARG A 14 -1.22 0.85 -4.79
CA ARG A 14 -1.95 0.05 -3.81
C ARG A 14 -1.06 -0.29 -2.62
N CYS A 15 -1.66 -0.30 -1.43
CA CYS A 15 -0.91 -0.61 -0.20
C CYS A 15 -0.88 -2.11 0.05
N SER A 16 0.11 -2.55 0.82
CA SER A 16 0.25 -3.97 1.13
C SER A 16 -0.12 -4.24 2.59
N ASP A 17 0.10 -3.25 3.45
CA ASP A 17 -0.22 -3.38 4.86
C ASP A 17 -1.71 -3.67 5.07
N CYS A 18 -2.55 -2.85 4.44
CA CYS A 18 -4.00 -3.02 4.55
C CYS A 18 -4.59 -3.51 3.23
N GLY A 19 -4.17 -2.90 2.13
CA GLY A 19 -4.66 -3.28 0.83
C GLY A 19 -5.53 -2.22 0.19
N LYS A 20 -5.17 -0.96 0.43
CA LYS A 20 -5.93 0.17 -0.12
C LYS A 20 -5.39 0.55 -1.49
N PHE A 21 -6.03 1.54 -2.11
CA PHE A 21 -5.62 2.01 -3.43
C PHE A 21 -5.50 3.52 -3.46
N PHE A 22 -4.61 4.03 -4.32
CA PHE A 22 -4.40 5.47 -4.44
C PHE A 22 -4.03 5.83 -5.88
N LEU A 23 -4.16 7.11 -6.21
CA LEU A 23 -3.83 7.59 -7.54
C LEU A 23 -2.65 8.56 -7.50
N GLN A 24 -2.48 9.23 -6.36
CA GLN A 24 -1.40 10.18 -6.19
C GLN A 24 -0.33 9.62 -5.25
N ALA A 25 0.85 9.34 -5.83
CA ALA A 25 1.95 8.79 -5.04
C ALA A 25 2.02 9.43 -3.65
N SER A 26 2.09 10.75 -3.62
CA SER A 26 2.17 11.48 -2.36
C SER A 26 1.12 10.96 -1.37
N ASN A 27 -0.13 10.89 -1.83
CA ASN A 27 -1.22 10.41 -1.00
C ASN A 27 -1.00 8.97 -0.57
N PHE A 28 -0.26 8.22 -1.39
CA PHE A 28 0.03 6.83 -1.11
C PHE A 28 1.13 6.71 -0.06
N ILE A 29 2.06 7.67 -0.07
CA ILE A 29 3.16 7.66 0.88
C ILE A 29 2.68 8.01 2.29
N GLN A 30 1.93 9.10 2.40
CA GLN A 30 1.40 9.53 3.69
C GLN A 30 0.43 8.50 4.25
N HIS A 31 0.15 7.47 3.48
CA HIS A 31 -0.76 6.41 3.90
C HIS A 31 0.01 5.23 4.47
N ARG A 32 1.17 4.95 3.89
CA ARG A 32 2.00 3.83 4.34
C ARG A 32 2.60 4.13 5.72
N ARG A 33 2.45 5.37 6.17
CA ARG A 33 2.98 5.78 7.47
C ARG A 33 2.08 5.28 8.59
N ILE A 34 0.77 5.37 8.37
CA ILE A 34 -0.19 4.93 9.38
C ILE A 34 0.17 3.57 9.94
N HIS A 35 0.83 2.75 9.12
CA HIS A 35 1.25 1.42 9.55
C HIS A 35 2.58 1.47 10.28
N THR A 36 3.37 2.51 10.01
CA THR A 36 4.67 2.67 10.64
C THR A 36 4.52 3.20 12.07
N GLY A 37 3.69 4.23 12.22
CA GLY A 37 3.48 4.81 13.54
C GLY A 37 3.22 3.75 14.60
N GLU A 38 2.11 3.03 14.45
CA GLU A 38 1.75 1.99 15.40
C GLU A 38 2.64 0.75 15.24
N LYS A 39 2.44 -0.24 16.10
CA LYS A 39 3.23 -1.46 16.05
C LYS A 39 2.40 -2.65 16.53
N PRO A 40 2.73 -3.85 16.02
CA PRO A 40 2.04 -5.08 16.39
C PRO A 40 2.33 -5.51 17.82
N SER A 41 1.33 -6.08 18.48
CA SER A 41 1.46 -6.53 19.86
C SER A 41 2.20 -7.86 19.93
N GLY A 42 3.33 -7.87 20.64
CA GLY A 42 4.11 -9.10 20.76
C GLY A 42 4.20 -9.86 19.46
N PRO A 43 4.81 -9.25 18.44
CA PRO A 43 4.97 -9.88 17.13
C PRO A 43 5.96 -11.04 17.15
N SER A 44 6.17 -11.65 15.99
CA SER A 44 7.09 -12.78 15.87
C SER A 44 8.54 -12.31 15.98
N SER A 45 9.30 -12.94 16.86
CA SER A 45 10.70 -12.60 17.07
C SER A 45 11.62 -13.70 16.54
N GLY A 46 12.34 -13.40 15.47
CA GLY A 46 13.24 -14.37 14.88
C GLY A 46 14.68 -13.90 14.89
ZN ZN B . -2.31 0.77 4.10
N GLY A 1 -4.78 -23.96 -20.21
CA GLY A 1 -5.80 -22.94 -20.40
C GLY A 1 -5.51 -21.68 -19.62
N SER A 2 -5.24 -20.59 -20.33
CA SER A 2 -4.93 -19.32 -19.70
C SER A 2 -6.17 -18.43 -19.64
N SER A 3 -7.31 -19.04 -19.30
CA SER A 3 -8.57 -18.31 -19.21
C SER A 3 -8.63 -17.49 -17.94
N GLY A 4 -9.04 -16.22 -18.07
CA GLY A 4 -9.12 -15.34 -16.92
C GLY A 4 -8.39 -14.04 -17.13
N SER A 5 -8.99 -13.14 -17.89
CA SER A 5 -8.39 -11.84 -18.18
C SER A 5 -9.18 -10.71 -17.53
N SER A 6 -8.50 -9.91 -16.71
CA SER A 6 -9.15 -8.80 -16.02
C SER A 6 -8.11 -7.92 -15.33
N GLY A 7 -8.36 -6.61 -15.33
CA GLY A 7 -7.43 -5.68 -14.70
C GLY A 7 -6.08 -5.66 -15.38
N HIS A 8 -5.95 -4.84 -16.42
CA HIS A 8 -4.70 -4.73 -17.14
C HIS A 8 -3.96 -3.44 -16.78
N GLY A 9 -2.85 -3.59 -16.05
CA GLY A 9 -2.08 -2.44 -15.64
C GLY A 9 -2.65 -1.75 -14.42
N GLU A 10 -1.97 -0.72 -13.95
CA GLU A 10 -2.42 0.01 -12.76
C GLU A 10 -1.91 1.46 -12.80
N ARG A 11 -2.84 2.41 -12.71
CA ARG A 11 -2.49 3.82 -12.73
C ARG A 11 -2.61 4.43 -11.33
N GLY A 12 -2.15 3.69 -10.34
CA GLY A 12 -2.22 4.17 -8.96
C GLY A 12 -1.21 3.47 -8.06
N HIS A 13 -1.53 3.43 -6.76
CA HIS A 13 -0.65 2.78 -5.79
C HIS A 13 -1.47 2.03 -4.74
N ARG A 14 -1.32 0.71 -4.72
CA ARG A 14 -2.05 -0.11 -3.76
C ARG A 14 -1.16 -0.47 -2.57
N CYS A 15 -1.72 -0.35 -1.37
CA CYS A 15 -0.98 -0.65 -0.15
C CYS A 15 -0.88 -2.17 0.06
N SER A 16 0.14 -2.58 0.80
CA SER A 16 0.36 -4.00 1.07
C SER A 16 0.01 -4.33 2.52
N ASP A 17 0.15 -3.36 3.40
CA ASP A 17 -0.15 -3.54 4.81
C ASP A 17 -1.64 -3.80 5.02
N CYS A 18 -2.47 -2.98 4.39
CA CYS A 18 -3.92 -3.12 4.50
C CYS A 18 -4.52 -3.62 3.20
N GLY A 19 -4.10 -3.00 2.09
CA GLY A 19 -4.62 -3.38 0.79
C GLY A 19 -5.46 -2.31 0.15
N LYS A 20 -5.20 -1.06 0.53
CA LYS A 20 -5.94 0.08 -0.02
C LYS A 20 -5.45 0.43 -1.42
N PHE A 21 -6.01 1.50 -1.98
CA PHE A 21 -5.63 1.95 -3.32
C PHE A 21 -5.52 3.47 -3.38
N PHE A 22 -4.68 3.96 -4.27
CA PHE A 22 -4.49 5.40 -4.43
C PHE A 22 -4.17 5.75 -5.87
N LEU A 23 -4.03 7.05 -6.14
CA LEU A 23 -3.73 7.52 -7.49
C LEU A 23 -2.51 8.45 -7.49
N GLN A 24 -2.34 9.18 -6.40
CA GLN A 24 -1.21 10.10 -6.27
C GLN A 24 -0.15 9.53 -5.33
N ALA A 25 1.02 9.22 -5.90
CA ALA A 25 2.12 8.66 -5.11
C ALA A 25 2.17 9.29 -3.72
N SER A 26 2.27 10.61 -3.67
CA SER A 26 2.33 11.33 -2.41
C SER A 26 1.26 10.82 -1.44
N ASN A 27 0.01 10.85 -1.88
CA ASN A 27 -1.10 10.39 -1.06
C ASN A 27 -0.89 8.95 -0.61
N PHE A 28 -0.21 8.17 -1.44
CA PHE A 28 0.06 6.77 -1.13
C PHE A 28 1.15 6.65 -0.07
N ILE A 29 2.09 7.58 -0.10
CA ILE A 29 3.20 7.58 0.86
C ILE A 29 2.71 8.00 2.25
N GLN A 30 1.97 9.09 2.30
CA GLN A 30 1.44 9.59 3.56
C GLN A 30 0.45 8.61 4.17
N HIS A 31 0.18 7.52 3.45
CA HIS A 31 -0.75 6.50 3.93
C HIS A 31 0.00 5.33 4.55
N ARG A 32 1.13 4.97 3.94
CA ARG A 32 1.93 3.87 4.43
C ARG A 32 2.54 4.19 5.79
N ARG A 33 2.38 5.44 6.22
CA ARG A 33 2.91 5.89 7.51
C ARG A 33 2.00 5.41 8.65
N ILE A 34 0.70 5.62 8.49
CA ILE A 34 -0.26 5.21 9.51
C ILE A 34 0.09 3.85 10.10
N HIS A 35 0.69 2.99 9.27
CA HIS A 35 1.08 1.66 9.71
C HIS A 35 2.32 1.72 10.59
N THR A 36 3.23 2.63 10.26
CA THR A 36 4.47 2.78 11.02
C THR A 36 4.18 2.95 12.51
N GLY A 37 3.12 3.68 12.82
CA GLY A 37 2.75 3.90 14.21
C GLY A 37 2.87 5.36 14.63
N GLU A 38 1.90 5.83 15.40
CA GLU A 38 1.89 7.21 15.86
C GLU A 38 1.59 7.29 17.36
N LYS A 39 2.15 8.29 18.02
CA LYS A 39 1.95 8.48 19.44
C LYS A 39 0.86 9.51 19.71
N PRO A 40 -0.31 9.04 20.15
CA PRO A 40 -1.46 9.89 20.45
C PRO A 40 -1.24 10.74 21.69
N SER A 41 -1.76 11.97 21.67
CA SER A 41 -1.60 12.89 22.80
C SER A 41 -2.35 12.36 24.02
N GLY A 42 -1.67 11.55 24.82
CA GLY A 42 -2.28 10.99 26.01
C GLY A 42 -1.75 9.61 26.34
N PRO A 43 -2.43 8.57 25.84
CA PRO A 43 -2.04 7.18 26.08
C PRO A 43 -0.76 6.81 25.36
N SER A 44 0.26 6.45 26.13
CA SER A 44 1.56 6.07 25.57
C SER A 44 1.70 4.56 25.51
N SER A 45 2.25 4.06 24.40
CA SER A 45 2.43 2.63 24.22
C SER A 45 1.22 1.84 24.72
N GLY A 46 0.03 2.35 24.41
CA GLY A 46 -1.18 1.69 24.85
C GLY A 46 -1.90 0.99 23.71
ZN ZN B . -2.27 0.77 4.17
#